data_4M2I
#
_entry.id   4M2I
#
_cell.length_a   56.507
_cell.length_b   115.527
_cell.length_c   95.288
_cell.angle_alpha   90.00
_cell.angle_beta   90.78
_cell.angle_gamma   90.00
#
_symmetry.space_group_name_H-M   'P 1 21 1'
#
loop_
_entity.id
_entity.type
_entity.pdbx_description
1 polymer 'L-arginine beta-hydroxylase'
2 non-polymer 'FE (III) ION'
3 water water
#
_entity_poly.entity_id   1
_entity_poly.type   'polypeptide(L)'
_entity_poly.pdbx_seq_one_letter_code
;MGSSHHHHHHSSGLVPRGSHMSNLTDQSTPSYSLTPAEASAVAELTLELAAAYGSFGDPVLLRDLPRLAARLPEGVQDFL
REFKLADRHGHTVIRGHDFDQRRIGPTPDHWRGRVRPGPEFPEELLLMLYSALLGEPFGWATQQDGHLVHDIFPIRSHEN
DQLGMGSKQLLTWHTEDAFHPYRSDYLILGALRNPDHVPTTVGELDLSSLSAEDIDVLFEPRYHIAPDESHLPKNNTIAT
EEEAARFATIQRMIDERPLGPLLYGSRLDPYMRLDPYFTSVPQDDTDARRAYDALFKVVDSGMREVVADQGDVLFIDNHR
AVHGRLPFQARYDGTDRWLKRVCVTSDLRRSREMRATSATRLLG
;
_entity_poly.pdbx_strand_id   A,B,C,D
#
# COMPACT_ATOMS: atom_id res chain seq x y z
N THR A 29 -38.22 9.72 -11.80
CA THR A 29 -36.74 9.84 -11.98
C THR A 29 -36.03 9.86 -10.63
N PRO A 30 -35.07 8.94 -10.44
CA PRO A 30 -34.39 8.91 -9.16
C PRO A 30 -33.26 9.93 -9.06
N SER A 31 -32.91 10.27 -7.83
CA SER A 31 -31.84 11.19 -7.52
C SER A 31 -31.42 10.90 -6.10
N TYR A 32 -30.19 11.29 -5.79
CA TYR A 32 -29.65 11.11 -4.46
C TYR A 32 -29.22 12.47 -3.97
N SER A 33 -29.54 12.77 -2.72
CA SER A 33 -29.18 14.06 -2.15
C SER A 33 -28.26 13.90 -0.97
N LEU A 34 -27.02 14.35 -1.15
CA LEU A 34 -25.99 14.20 -0.13
C LEU A 34 -26.24 15.13 1.05
N THR A 35 -26.08 14.61 2.25
CA THR A 35 -26.01 15.46 3.42
C THR A 35 -24.64 16.13 3.36
N PRO A 36 -24.54 17.35 3.90
CA PRO A 36 -23.24 18.03 3.98
C PRO A 36 -22.13 17.14 4.57
N ALA A 37 -22.49 16.20 5.43
CA ALA A 37 -21.51 15.34 6.08
C ALA A 37 -20.94 14.33 5.08
N GLU A 38 -21.82 13.81 4.22
CA GLU A 38 -21.41 12.90 3.15
C GLU A 38 -20.58 13.63 2.10
N ALA A 39 -21.00 14.84 1.76
CA ALA A 39 -20.30 15.65 0.77
C ALA A 39 -18.91 15.98 1.29
N SER A 40 -18.80 16.18 2.59
CA SER A 40 -17.54 16.46 3.23
C SER A 40 -16.61 15.23 3.22
N ALA A 41 -17.20 14.06 3.46
CA ALA A 41 -16.47 12.80 3.40
C ALA A 41 -15.96 12.53 1.98
N VAL A 42 -16.77 12.88 0.99
CA VAL A 42 -16.41 12.75 -0.42
C VAL A 42 -15.33 13.79 -0.76
N ALA A 43 -15.54 15.02 -0.28
CA ALA A 43 -14.56 16.08 -0.50
C ALA A 43 -13.18 15.66 -0.01
N GLU A 44 -13.09 15.14 1.21
CA GLU A 44 -11.78 14.87 1.81
C GLU A 44 -11.13 13.58 1.31
N LEU A 45 -11.95 12.68 0.76
CA LEU A 45 -11.45 11.51 0.06
C LEU A 45 -10.73 11.92 -1.23
N THR A 46 -11.39 12.77 -2.02
CA THR A 46 -10.85 13.21 -3.30
C THR A 46 -9.57 14.03 -3.11
N LEU A 47 -9.52 14.79 -2.02
CA LEU A 47 -8.33 15.57 -1.67
C LEU A 47 -7.18 14.66 -1.24
N GLU A 48 -7.52 13.58 -0.55
CA GLU A 48 -6.55 12.57 -0.17
C GLU A 48 -5.96 11.90 -1.41
N LEU A 49 -6.84 11.59 -2.36
CA LEU A 49 -6.45 10.88 -3.57
C LEU A 49 -5.63 11.77 -4.50
N ALA A 50 -6.03 13.04 -4.58
CA ALA A 50 -5.32 14.05 -5.36
C ALA A 50 -3.88 14.22 -4.86
N ALA A 51 -3.71 14.21 -3.53
CA ALA A 51 -2.40 14.29 -2.92
C ALA A 51 -1.59 13.02 -3.19
N ALA A 52 -2.27 11.88 -3.21
CA ALA A 52 -1.62 10.59 -3.33
C ALA A 52 -1.21 10.20 -4.76
N TYR A 53 -1.97 10.63 -5.76
CA TYR A 53 -1.72 10.23 -7.16
C TYR A 53 -1.25 11.37 -8.04
N GLY A 54 -0.41 11.03 -9.02
CA GLY A 54 0.14 12.02 -9.95
C GLY A 54 -0.90 12.63 -10.87
N SER A 55 -1.62 11.76 -11.57
CA SER A 55 -2.63 12.16 -12.56
C SER A 55 -3.41 10.92 -12.96
N PHE A 56 -4.10 10.99 -14.10
CA PHE A 56 -4.70 9.79 -14.71
C PHE A 56 -3.66 9.07 -15.56
N GLY A 57 -2.58 9.79 -15.89
CA GLY A 57 -1.40 9.21 -16.53
C GLY A 57 -0.79 8.14 -15.64
N ASP A 58 -1.17 8.17 -14.35
CA ASP A 58 -0.75 7.18 -13.37
C ASP A 58 -1.53 5.88 -13.56
N PRO A 59 -0.85 4.85 -14.13
CA PRO A 59 -1.49 3.55 -14.36
C PRO A 59 -1.92 2.84 -13.07
N VAL A 60 -1.25 3.14 -11.96
CA VAL A 60 -1.63 2.56 -10.67
C VAL A 60 -2.94 3.16 -10.14
N LEU A 61 -3.17 4.44 -10.43
CA LEU A 61 -4.46 5.07 -10.15
C LEU A 61 -5.59 4.36 -10.90
N LEU A 62 -5.41 4.20 -12.21
CA LEU A 62 -6.39 3.53 -13.06
C LEU A 62 -6.68 2.13 -12.56
N ARG A 63 -5.63 1.50 -12.03
CA ARG A 63 -5.74 0.19 -11.43
C ARG A 63 -6.56 0.26 -10.12
N ASP A 64 -6.21 1.19 -9.24
CA ASP A 64 -6.79 1.26 -7.90
C ASP A 64 -8.22 1.78 -7.89
N LEU A 65 -8.59 2.41 -9.01
CA LEU A 65 -9.88 3.07 -9.18
C LEU A 65 -11.11 2.44 -8.48
N PRO A 66 -11.42 1.15 -8.75
CA PRO A 66 -12.64 0.63 -8.13
C PRO A 66 -12.47 0.37 -6.64
N ARG A 67 -11.25 0.07 -6.23
CA ARG A 67 -10.95 -0.16 -4.82
C ARG A 67 -11.15 1.17 -4.09
N LEU A 68 -10.59 2.22 -4.66
CA LEU A 68 -10.76 3.58 -4.15
C LEU A 68 -12.22 4.01 -4.10
N ALA A 69 -12.98 3.65 -5.13
CA ALA A 69 -14.40 4.02 -5.23
C ALA A 69 -15.23 3.44 -4.09
N ALA A 70 -14.81 2.30 -3.58
CA ALA A 70 -15.48 1.65 -2.46
C ALA A 70 -15.31 2.39 -1.13
N ARG A 71 -14.49 3.44 -1.13
CA ARG A 71 -14.32 4.30 0.05
C ARG A 71 -15.35 5.44 0.12
N LEU A 72 -16.04 5.71 -0.98
CA LEU A 72 -17.16 6.66 -1.00
C LEU A 72 -18.26 6.19 -0.03
N PRO A 73 -19.15 7.11 0.40
CA PRO A 73 -20.25 6.70 1.28
C PRO A 73 -21.03 5.54 0.67
N GLU A 74 -21.40 4.56 1.50
CA GLU A 74 -22.03 3.33 1.02
C GLU A 74 -23.42 3.55 0.39
N GLY A 75 -24.13 4.58 0.85
CA GLY A 75 -25.43 4.96 0.28
C GLY A 75 -25.31 5.39 -1.18
N VAL A 76 -24.21 6.09 -1.48
CA VAL A 76 -23.89 6.52 -2.84
C VAL A 76 -23.54 5.32 -3.73
N GLN A 77 -22.76 4.39 -3.19
CA GLN A 77 -22.36 3.18 -3.90
C GLN A 77 -23.56 2.32 -4.27
N ASP A 78 -24.39 2.02 -3.28
CA ASP A 78 -25.63 1.27 -3.46
C ASP A 78 -26.61 1.93 -4.41
N PHE A 79 -26.72 3.26 -4.34
CA PHE A 79 -27.56 4.01 -5.27
C PHE A 79 -27.15 3.78 -6.74
N LEU A 80 -25.87 4.02 -7.07
CA LEU A 80 -25.39 3.83 -8.46
C LEU A 80 -25.49 2.38 -8.90
N ARG A 81 -25.29 1.46 -7.98
CA ARG A 81 -25.39 0.03 -8.27
C ARG A 81 -26.84 -0.37 -8.57
N GLU A 82 -27.80 0.16 -7.80
CA GLU A 82 -29.22 -0.04 -8.11
C GLU A 82 -29.64 0.56 -9.43
N PHE A 83 -29.10 1.73 -9.74
CA PHE A 83 -29.34 2.37 -11.04
C PHE A 83 -28.80 1.51 -12.19
N LYS A 84 -27.55 1.07 -12.06
CA LYS A 84 -26.90 0.22 -13.06
C LYS A 84 -27.66 -1.09 -13.28
N LEU A 85 -27.95 -1.79 -12.18
CA LEU A 85 -28.55 -3.11 -12.24
C LEU A 85 -30.04 -3.08 -12.57
N ALA A 86 -30.72 -2.02 -12.16
CA ALA A 86 -32.15 -1.86 -12.43
C ALA A 86 -32.37 -1.73 -13.92
N ASP A 87 -31.40 -1.12 -14.59
CA ASP A 87 -31.42 -0.97 -16.05
C ASP A 87 -32.82 -0.56 -16.53
N ARG A 88 -33.28 0.58 -16.05
CA ARG A 88 -34.66 1.05 -16.29
C ARG A 88 -34.64 2.52 -16.68
N HIS A 89 -33.91 3.33 -15.92
CA HIS A 89 -33.90 4.78 -16.09
C HIS A 89 -32.79 5.27 -16.97
N GLY A 90 -33.10 6.32 -17.73
CA GLY A 90 -32.16 6.88 -18.67
C GLY A 90 -31.09 7.75 -18.03
N HIS A 91 -31.37 8.25 -16.82
CA HIS A 91 -30.45 9.11 -16.08
C HIS A 91 -30.74 9.19 -14.60
N THR A 92 -29.76 9.68 -13.83
CA THR A 92 -29.90 10.01 -12.41
C THR A 92 -28.90 11.10 -12.05
N VAL A 93 -29.21 11.82 -10.97
CA VAL A 93 -28.34 12.86 -10.47
C VAL A 93 -27.98 12.58 -9.01
N ILE A 94 -26.70 12.73 -8.69
CA ILE A 94 -26.28 12.78 -7.30
C ILE A 94 -26.01 14.24 -6.96
N ARG A 95 -26.81 14.79 -6.07
CA ARG A 95 -26.75 16.22 -5.78
C ARG A 95 -26.09 16.49 -4.44
N GLY A 96 -25.54 17.70 -4.30
CA GLY A 96 -25.08 18.19 -3.01
C GLY A 96 -23.61 18.04 -2.71
N HIS A 97 -22.80 17.68 -3.70
CA HIS A 97 -21.35 17.60 -3.50
C HIS A 97 -20.80 18.93 -3.11
N ASP A 98 -19.74 18.94 -2.31
CA ASP A 98 -19.05 20.18 -2.04
C ASP A 98 -17.92 20.37 -3.02
N PHE A 99 -18.16 21.21 -4.02
CA PHE A 99 -17.11 21.63 -4.92
C PHE A 99 -16.61 23.01 -4.50
N ASP A 100 -15.50 23.00 -3.77
CA ASP A 100 -14.85 24.21 -3.24
C ASP A 100 -14.49 25.19 -4.36
N GLN A 101 -15.30 26.24 -4.50
CA GLN A 101 -15.15 27.22 -5.60
C GLN A 101 -13.81 27.97 -5.58
N ARG A 102 -13.41 28.43 -4.41
CA ARG A 102 -12.12 29.11 -4.25
C ARG A 102 -10.95 28.17 -4.62
N ARG A 103 -11.06 26.89 -4.28
CA ARG A 103 -10.02 25.90 -4.62
C ARG A 103 -10.04 25.51 -6.08
N ILE A 104 -11.23 25.40 -6.65
CA ILE A 104 -11.38 25.02 -8.05
C ILE A 104 -10.85 26.16 -8.92
N GLY A 105 -11.22 27.38 -8.57
CA GLY A 105 -10.71 28.57 -9.24
C GLY A 105 -11.52 29.01 -10.44
N PRO A 106 -11.05 30.08 -11.12
CA PRO A 106 -11.78 30.63 -12.26
C PRO A 106 -11.91 29.62 -13.41
N THR A 107 -13.04 29.68 -14.10
CA THR A 107 -13.25 28.91 -15.32
C THR A 107 -12.20 29.33 -16.35
N PRO A 108 -11.46 28.36 -16.92
CA PRO A 108 -10.41 28.70 -17.87
C PRO A 108 -10.92 29.37 -19.15
N ASP A 109 -10.00 30.02 -19.86
CA ASP A 109 -10.28 30.62 -21.15
C ASP A 109 -10.19 29.59 -22.26
N HIS A 110 -9.39 28.55 -22.02
CA HIS A 110 -9.27 27.41 -22.92
C HIS A 110 -8.93 26.17 -22.12
N TRP A 111 -9.08 24.99 -22.72
CA TRP A 111 -8.59 23.76 -22.09
C TRP A 111 -7.16 23.47 -22.45
N ARG A 112 -6.71 24.02 -23.58
CA ARG A 112 -5.35 23.80 -24.04
C ARG A 112 -4.36 24.61 -23.22
N GLY A 113 -3.20 24.02 -22.93
CA GLY A 113 -2.10 24.74 -22.30
C GLY A 113 -2.15 24.87 -20.78
N ARG A 114 -3.23 24.41 -20.17
CA ARG A 114 -3.33 24.39 -18.72
C ARG A 114 -2.41 23.34 -18.16
N VAL A 115 -1.79 23.66 -17.03
CA VAL A 115 -0.98 22.67 -16.30
C VAL A 115 -1.94 21.57 -15.86
N ARG A 116 -1.57 20.33 -16.14
CA ARG A 116 -2.44 19.18 -15.94
C ARG A 116 -1.79 18.18 -15.00
N PRO A 117 -2.48 17.81 -13.90
CA PRO A 117 -3.83 18.26 -13.52
C PRO A 117 -3.87 19.65 -12.88
N GLY A 118 -5.03 20.29 -12.93
CA GLY A 118 -5.22 21.58 -12.30
C GLY A 118 -5.69 21.45 -10.86
N PRO A 119 -6.07 22.59 -10.24
CA PRO A 119 -6.57 22.62 -8.87
C PRO A 119 -7.87 21.83 -8.68
N GLU A 120 -8.58 21.59 -9.79
CA GLU A 120 -9.86 20.89 -9.79
C GLU A 120 -9.70 19.37 -9.95
N PHE A 121 -8.48 18.89 -9.70
CA PHE A 121 -8.12 17.47 -9.80
C PHE A 121 -8.95 16.55 -8.89
N PRO A 122 -9.25 16.99 -7.65
CA PRO A 122 -10.14 16.18 -6.82
C PRO A 122 -11.51 15.91 -7.45
N GLU A 123 -12.09 16.89 -8.14
CA GLU A 123 -13.38 16.69 -8.81
C GLU A 123 -13.26 15.74 -9.99
N GLU A 124 -12.13 15.80 -10.69
CA GLU A 124 -11.84 14.87 -11.76
C GLU A 124 -11.76 13.44 -11.22
N LEU A 125 -11.03 13.26 -10.13
CA LEU A 125 -10.94 11.96 -9.47
C LEU A 125 -12.33 11.47 -9.01
N LEU A 126 -13.16 12.37 -8.51
CA LEU A 126 -14.52 12.00 -8.12
C LEU A 126 -15.25 11.31 -9.28
N LEU A 127 -15.21 11.93 -10.45
CA LEU A 127 -15.89 11.39 -11.63
C LEU A 127 -15.27 10.06 -12.06
N MET A 128 -13.93 9.98 -12.06
CA MET A 128 -13.22 8.73 -12.32
C MET A 128 -13.61 7.63 -11.32
N LEU A 129 -13.90 8.01 -10.08
CA LEU A 129 -14.36 7.05 -9.07
C LEU A 129 -15.75 6.53 -9.42
N TYR A 130 -16.67 7.42 -9.78
CA TYR A 130 -17.99 7.01 -10.22
C TYR A 130 -17.92 6.16 -11.50
N SER A 131 -16.97 6.48 -12.37
CA SER A 131 -16.81 5.74 -13.62
C SER A 131 -16.42 4.30 -13.32
N ALA A 132 -15.62 4.10 -12.28
CA ALA A 132 -15.20 2.77 -11.85
C ALA A 132 -16.34 1.99 -11.19
N LEU A 133 -17.33 2.70 -10.65
CA LEU A 133 -18.52 2.04 -10.12
C LEU A 133 -19.38 1.47 -11.24
N LEU A 134 -19.49 2.21 -12.35
CA LEU A 134 -20.34 1.81 -13.47
C LEU A 134 -19.63 0.94 -14.51
N GLY A 135 -18.32 1.10 -14.64
CA GLY A 135 -17.56 0.36 -15.65
C GLY A 135 -16.11 0.80 -15.72
N GLU A 136 -15.69 1.29 -16.89
CA GLU A 136 -14.33 1.74 -17.09
C GLU A 136 -14.33 3.10 -17.79
N PRO A 137 -13.50 4.05 -17.32
CA PRO A 137 -13.37 5.26 -18.12
C PRO A 137 -12.56 4.96 -19.37
N PHE A 138 -12.93 5.63 -20.45
CA PHE A 138 -12.21 5.53 -21.69
C PHE A 138 -12.32 6.86 -22.40
N GLY A 139 -11.35 7.16 -23.26
CA GLY A 139 -11.40 8.36 -24.07
C GLY A 139 -11.20 8.09 -25.54
N TRP A 140 -11.19 9.15 -26.32
CA TRP A 140 -10.84 9.12 -27.74
C TRP A 140 -9.55 9.84 -27.88
N ALA A 141 -8.57 9.19 -28.52
CA ALA A 141 -7.20 9.69 -28.60
C ALA A 141 -7.10 11.11 -29.14
N THR A 142 -8.04 11.48 -30.01
CA THR A 142 -7.99 12.74 -30.74
C THR A 142 -8.83 13.87 -30.14
N GLN A 143 -9.60 13.55 -29.09
CA GLN A 143 -10.38 14.55 -28.36
C GLN A 143 -9.62 15.05 -27.13
N GLN A 144 -9.60 16.37 -26.98
CA GLN A 144 -8.96 17.05 -25.85
C GLN A 144 -7.65 16.46 -25.33
N ASP A 145 -6.69 16.24 -26.24
CA ASP A 145 -5.33 15.73 -25.93
C ASP A 145 -5.28 14.34 -25.28
N GLY A 146 -6.37 13.60 -25.37
CA GLY A 146 -6.42 12.25 -24.84
C GLY A 146 -6.76 12.16 -23.37
N HIS A 147 -7.20 13.27 -22.79
CA HIS A 147 -7.56 13.29 -21.37
C HIS A 147 -8.75 12.41 -21.12
N LEU A 148 -8.70 11.68 -20.02
CA LEU A 148 -9.81 10.82 -19.64
C LEU A 148 -10.99 11.59 -19.05
N VAL A 149 -10.71 12.76 -18.49
CA VAL A 149 -11.77 13.66 -18.05
C VAL A 149 -11.78 14.89 -18.96
N HIS A 150 -12.88 15.11 -19.65
CA HIS A 150 -13.02 16.26 -20.55
C HIS A 150 -13.50 17.49 -19.84
N ASP A 151 -13.19 18.64 -20.42
CA ASP A 151 -13.69 19.92 -19.95
C ASP A 151 -14.86 20.38 -20.82
N ILE A 152 -15.89 20.91 -20.17
CA ILE A 152 -16.99 21.57 -20.85
C ILE A 152 -17.17 22.98 -20.25
N PHE A 153 -16.71 23.99 -20.99
CA PHE A 153 -16.89 25.39 -20.63
C PHE A 153 -16.78 26.27 -21.88
N PRO A 154 -17.45 27.43 -21.88
CA PRO A 154 -17.44 28.25 -23.10
C PRO A 154 -16.07 28.79 -23.46
N ILE A 155 -15.66 28.60 -24.70
CA ILE A 155 -14.44 29.22 -25.23
C ILE A 155 -14.87 30.15 -26.36
N ARG A 156 -14.42 31.40 -26.32
CA ARG A 156 -14.93 32.42 -27.22
C ARG A 156 -14.88 32.03 -28.70
N SER A 157 -13.78 31.43 -29.14
CA SER A 157 -13.67 31.00 -30.53
C SER A 157 -14.63 29.86 -30.88
N HIS A 158 -15.26 29.27 -29.87
CA HIS A 158 -16.20 28.15 -30.04
C HIS A 158 -17.65 28.55 -29.90
N GLU A 159 -17.92 29.84 -29.96
CA GLU A 159 -19.28 30.38 -29.72
C GLU A 159 -20.35 29.90 -30.72
N ASN A 160 -19.96 29.70 -31.98
CA ASN A 160 -20.89 29.33 -33.04
C ASN A 160 -21.06 27.81 -33.26
N ASP A 161 -20.38 27.00 -32.46
CA ASP A 161 -20.38 25.55 -32.63
C ASP A 161 -21.46 24.85 -31.79
N GLN A 162 -21.84 23.65 -32.24
CA GLN A 162 -22.73 22.77 -31.47
C GLN A 162 -21.90 21.72 -30.74
N LEU A 163 -21.05 22.19 -29.82
CA LEU A 163 -20.13 21.31 -29.08
C LEU A 163 -20.09 21.70 -27.61
N GLY A 164 -19.40 20.91 -26.80
CA GLY A 164 -19.25 21.18 -25.37
C GLY A 164 -18.81 22.59 -25.04
N MET A 165 -17.74 23.05 -25.68
CA MET A 165 -17.19 24.39 -25.45
C MET A 165 -18.02 25.47 -26.17
N GLY A 166 -19.18 25.06 -26.69
CA GLY A 166 -20.10 26.02 -27.29
C GLY A 166 -20.87 26.77 -26.22
N SER A 167 -21.76 27.66 -26.65
CA SER A 167 -22.63 28.38 -25.74
C SER A 167 -23.91 28.85 -26.43
N LYS A 168 -23.76 29.74 -27.41
CA LYS A 168 -24.89 30.36 -28.11
C LYS A 168 -25.78 29.35 -28.83
N GLN A 169 -25.17 28.29 -29.37
CA GLN A 169 -25.87 27.32 -30.21
C GLN A 169 -26.49 26.16 -29.42
N LEU A 170 -27.74 25.87 -29.74
CA LEU A 170 -28.46 24.71 -29.20
C LEU A 170 -27.74 23.41 -29.56
N LEU A 171 -27.38 22.65 -28.54
CA LEU A 171 -26.89 21.28 -28.70
C LEU A 171 -28.09 20.35 -28.89
N THR A 172 -28.35 19.97 -30.15
CA THR A 172 -29.48 19.09 -30.43
C THR A 172 -29.20 17.68 -29.90
N TRP A 173 -30.26 16.92 -29.66
CA TRP A 173 -30.12 15.65 -28.98
C TRP A 173 -29.71 14.50 -29.85
N HIS A 174 -29.02 13.55 -29.23
CA HIS A 174 -28.53 12.35 -29.90
C HIS A 174 -28.03 11.35 -28.89
N THR A 175 -28.00 10.09 -29.30
CA THR A 175 -27.19 9.08 -28.64
C THR A 175 -25.74 9.43 -28.98
N GLU A 176 -24.84 9.27 -28.03
CA GLU A 176 -23.44 9.56 -28.30
C GLU A 176 -22.92 8.47 -29.21
N ASP A 177 -22.33 8.87 -30.34
CA ASP A 177 -21.76 7.95 -31.34
C ASP A 177 -22.69 6.78 -31.72
N ALA A 178 -23.88 7.11 -32.20
CA ALA A 178 -24.89 6.10 -32.55
C ALA A 178 -24.35 5.06 -33.55
N PHE A 179 -23.61 5.54 -34.55
CA PHE A 179 -23.10 4.69 -35.61
C PHE A 179 -22.03 3.70 -35.15
N HIS A 180 -21.47 3.95 -33.98
CA HIS A 180 -20.26 3.29 -33.53
C HIS A 180 -20.51 2.14 -32.61
N PRO A 181 -19.86 0.99 -32.87
CA PRO A 181 -20.02 -0.19 -32.02
C PRO A 181 -19.35 -0.05 -30.65
N TYR A 182 -18.48 0.95 -30.51
CA TYR A 182 -17.76 1.17 -29.24
C TYR A 182 -18.07 2.53 -28.62
N ARG A 183 -19.30 3.00 -28.89
CA ARG A 183 -19.84 4.18 -28.23
C ARG A 183 -19.94 3.94 -26.73
N SER A 184 -19.93 5.02 -25.96
CA SER A 184 -20.10 4.95 -24.52
C SER A 184 -21.32 4.18 -24.10
N ASP A 185 -21.21 3.49 -22.98
CA ASP A 185 -22.36 2.94 -22.30
C ASP A 185 -22.96 3.99 -21.37
N TYR A 186 -22.12 4.75 -20.69
CA TYR A 186 -22.57 5.82 -19.81
C TYR A 186 -21.78 7.10 -19.98
N LEU A 187 -22.47 8.24 -19.84
CA LEU A 187 -21.83 9.54 -19.68
C LEU A 187 -22.00 10.04 -18.26
N ILE A 188 -20.92 10.58 -17.70
CA ILE A 188 -20.95 11.20 -16.39
C ILE A 188 -20.62 12.68 -16.57
N LEU A 189 -21.53 13.55 -16.12
CA LEU A 189 -21.31 14.99 -16.19
C LEU A 189 -21.33 15.60 -14.80
N GLY A 190 -20.24 16.27 -14.44
CA GLY A 190 -20.11 16.89 -13.13
C GLY A 190 -20.04 18.39 -13.23
N ALA A 191 -21.04 19.07 -12.66
CA ALA A 191 -21.11 20.53 -12.69
C ALA A 191 -20.30 21.17 -11.58
N LEU A 192 -19.11 21.66 -11.93
CA LEU A 192 -18.26 22.44 -11.01
C LEU A 192 -18.92 23.78 -10.70
N ARG A 193 -19.52 24.39 -11.73
CA ARG A 193 -20.39 25.56 -11.54
C ARG A 193 -21.37 25.71 -12.69
N ASN A 194 -22.54 26.27 -12.38
CA ASN A 194 -23.60 26.53 -13.35
C ASN A 194 -24.43 27.70 -12.82
N PRO A 195 -23.81 28.90 -12.70
CA PRO A 195 -24.42 30.04 -12.01
C PRO A 195 -25.76 30.46 -12.58
N ASP A 196 -25.94 30.32 -13.89
CA ASP A 196 -27.18 30.71 -14.55
C ASP A 196 -28.13 29.54 -14.82
N HIS A 197 -27.82 28.37 -14.27
CA HIS A 197 -28.71 27.21 -14.30
C HIS A 197 -29.10 26.77 -15.68
N VAL A 198 -28.13 26.75 -16.58
CA VAL A 198 -28.35 26.25 -17.94
C VAL A 198 -28.60 24.74 -17.83
N PRO A 199 -29.77 24.29 -18.31
CA PRO A 199 -30.11 22.88 -18.20
C PRO A 199 -29.39 22.02 -19.24
N THR A 200 -29.20 20.76 -18.90
CA THR A 200 -28.83 19.75 -19.88
C THR A 200 -30.13 19.10 -20.31
N THR A 201 -30.29 18.85 -21.62
CA THR A 201 -31.44 18.12 -22.10
C THR A 201 -31.14 16.62 -22.15
N VAL A 202 -32.01 15.85 -21.51
CA VAL A 202 -31.96 14.40 -21.61
C VAL A 202 -33.36 13.85 -21.85
N GLY A 203 -33.47 13.02 -22.89
CA GLY A 203 -34.75 12.41 -23.25
C GLY A 203 -34.69 10.90 -23.25
N GLU A 204 -35.72 10.27 -22.70
CA GLU A 204 -35.84 8.82 -22.67
C GLU A 204 -36.92 8.34 -23.63
N LEU A 205 -37.09 7.02 -23.72
CA LEU A 205 -38.08 6.41 -24.60
C LEU A 205 -39.30 5.96 -23.80
N ASP A 206 -40.42 6.66 -24.02
CA ASP A 206 -41.73 6.27 -23.49
C ASP A 206 -42.33 5.23 -24.43
N LEU A 207 -42.16 3.97 -24.04
CA LEU A 207 -42.52 2.83 -24.88
C LEU A 207 -44.01 2.79 -25.23
N SER A 208 -44.85 3.17 -24.27
CA SER A 208 -46.30 3.11 -24.46
C SER A 208 -46.80 4.08 -25.52
N SER A 209 -45.90 4.90 -26.06
CA SER A 209 -46.27 5.81 -27.15
C SER A 209 -45.95 5.23 -28.53
N LEU A 210 -45.40 4.02 -28.57
CA LEU A 210 -45.15 3.31 -29.82
C LEU A 210 -46.06 2.11 -29.99
N SER A 211 -46.59 1.95 -31.20
CA SER A 211 -47.34 0.75 -31.55
C SER A 211 -46.40 -0.45 -31.56
N ALA A 212 -46.93 -1.62 -31.20
CA ALA A 212 -46.19 -2.88 -31.24
C ALA A 212 -45.54 -3.08 -32.60
N GLU A 213 -46.32 -2.83 -33.65
CA GLU A 213 -45.87 -3.00 -35.03
C GLU A 213 -44.59 -2.21 -35.28
N ASP A 214 -44.55 -0.98 -34.77
CA ASP A 214 -43.41 -0.10 -34.97
C ASP A 214 -42.16 -0.56 -34.22
N ILE A 215 -42.35 -1.03 -32.99
CA ILE A 215 -41.25 -1.56 -32.19
C ILE A 215 -40.58 -2.73 -32.92
N ASP A 216 -41.40 -3.67 -33.40
CA ASP A 216 -40.89 -4.84 -34.13
C ASP A 216 -39.99 -4.45 -35.29
N VAL A 217 -40.43 -3.46 -36.06
CA VAL A 217 -39.66 -2.95 -37.22
C VAL A 217 -38.32 -2.32 -36.79
N LEU A 218 -38.36 -1.50 -35.73
CA LEU A 218 -37.17 -0.78 -35.27
C LEU A 218 -36.09 -1.71 -34.72
N PHE A 219 -36.51 -2.92 -34.35
CA PHE A 219 -35.60 -3.98 -33.95
C PHE A 219 -34.89 -4.66 -35.12
N GLU A 220 -35.41 -4.46 -36.33
CA GLU A 220 -34.87 -5.17 -37.49
C GLU A 220 -33.76 -4.38 -38.19
N PRO A 221 -32.79 -5.10 -38.80
CA PRO A 221 -31.64 -4.43 -39.43
C PRO A 221 -32.07 -3.69 -40.68
N ARG A 222 -32.64 -2.50 -40.50
CA ARG A 222 -33.28 -1.79 -41.62
C ARG A 222 -32.91 -0.31 -41.70
N TYR A 223 -31.84 0.07 -41.01
CA TYR A 223 -31.44 1.47 -40.93
C TYR A 223 -29.94 1.59 -41.08
N HIS A 224 -29.49 2.64 -41.75
CA HIS A 224 -28.07 2.98 -41.67
C HIS A 224 -27.84 4.23 -40.86
N ILE A 225 -26.84 4.18 -40.00
CA ILE A 225 -26.40 5.36 -39.26
C ILE A 225 -25.00 5.75 -39.74
N ALA A 226 -24.87 7.01 -40.16
CA ALA A 226 -23.65 7.50 -40.82
C ALA A 226 -22.57 7.96 -39.84
N PRO A 227 -21.30 7.59 -40.11
CA PRO A 227 -20.17 8.04 -39.29
C PRO A 227 -20.00 9.54 -39.25
N ASP A 228 -19.48 10.02 -38.12
CA ASP A 228 -19.02 11.39 -37.97
C ASP A 228 -17.59 11.48 -38.50
N GLU A 229 -17.22 12.65 -39.03
CA GLU A 229 -15.88 12.86 -39.58
C GLU A 229 -14.76 12.75 -38.53
N SER A 230 -15.15 12.56 -37.28
CA SER A 230 -14.20 12.39 -36.16
C SER A 230 -13.75 10.94 -36.02
N HIS A 231 -14.59 10.01 -36.46
CA HIS A 231 -14.29 8.58 -36.39
C HIS A 231 -14.43 7.91 -37.74
N LEU A 232 -14.36 8.73 -38.79
CA LEU A 232 -14.52 8.29 -40.18
C LEU A 232 -13.44 7.27 -40.57
N ALA A 248 -9.69 -0.41 -39.43
CA ALA A 248 -9.83 -1.87 -39.47
C ALA A 248 -11.27 -2.27 -39.77
N THR A 249 -12.02 -2.63 -38.73
CA THR A 249 -13.42 -3.06 -38.88
C THR A 249 -14.37 -1.91 -39.21
N ILE A 250 -14.23 -0.78 -38.51
CA ILE A 250 -15.07 0.40 -38.78
C ILE A 250 -14.96 0.83 -40.26
N GLN A 251 -13.79 0.59 -40.85
CA GLN A 251 -13.58 0.82 -42.28
C GLN A 251 -14.48 -0.08 -43.13
N ARG A 252 -14.33 -1.40 -42.97
CA ARG A 252 -15.23 -2.36 -43.58
C ARG A 252 -16.60 -2.39 -42.87
N MET A 253 -17.06 -1.19 -42.51
CA MET A 253 -18.39 -0.95 -41.96
C MET A 253 -18.93 0.34 -42.57
N ILE A 254 -18.05 1.34 -42.70
CA ILE A 254 -18.36 2.54 -43.48
C ILE A 254 -18.48 2.14 -44.95
N ASP A 255 -17.60 1.24 -45.39
CA ASP A 255 -17.59 0.71 -46.75
C ASP A 255 -18.89 -0.01 -47.08
N GLU A 256 -19.32 -0.87 -46.18
CA GLU A 256 -20.42 -1.79 -46.47
C GLU A 256 -21.80 -1.22 -46.17
N ARG A 257 -21.85 -0.09 -45.44
CA ARG A 257 -23.10 0.54 -45.03
C ARG A 257 -24.11 -0.53 -44.59
N PRO A 258 -23.84 -1.21 -43.47
CA PRO A 258 -24.73 -2.28 -43.07
C PRO A 258 -25.99 -1.74 -42.42
N LEU A 259 -27.13 -2.32 -42.76
CA LEU A 259 -28.36 -1.94 -42.11
C LEU A 259 -28.36 -2.55 -40.71
N GLY A 260 -28.73 -1.73 -39.73
CA GLY A 260 -28.84 -2.18 -38.35
C GLY A 260 -30.13 -1.67 -37.73
N PRO A 261 -30.44 -2.14 -36.51
CA PRO A 261 -31.66 -1.72 -35.82
C PRO A 261 -31.49 -0.37 -35.13
N LEU A 262 -32.60 0.20 -34.66
CA LEU A 262 -32.54 1.39 -33.84
C LEU A 262 -32.90 1.05 -32.40
N LEU A 263 -33.64 -0.04 -32.25
CA LEU A 263 -33.91 -0.60 -30.91
C LEU A 263 -33.30 -1.98 -30.78
N TYR A 264 -32.88 -2.34 -29.58
CA TYR A 264 -32.29 -3.64 -29.31
C TYR A 264 -32.48 -3.99 -27.84
N GLY A 265 -31.97 -5.15 -27.43
CA GLY A 265 -32.17 -5.65 -26.08
C GLY A 265 -33.53 -6.30 -25.95
N SER A 266 -34.27 -5.96 -24.90
CA SER A 266 -35.58 -6.55 -24.65
C SER A 266 -36.68 -5.81 -25.39
N ARG A 267 -37.62 -6.57 -25.95
CA ARG A 267 -38.74 -5.96 -26.66
C ARG A 267 -39.67 -5.22 -25.70
N LEU A 268 -39.63 -5.60 -24.43
CA LEU A 268 -40.52 -5.04 -23.41
C LEU A 268 -39.96 -3.77 -22.78
N ASP A 269 -38.65 -3.56 -22.94
CA ASP A 269 -37.97 -2.39 -22.40
C ASP A 269 -36.65 -2.15 -23.17
N PRO A 270 -36.75 -1.72 -24.44
CA PRO A 270 -35.63 -1.71 -25.38
C PRO A 270 -34.57 -0.64 -25.13
N TYR A 271 -33.32 -0.95 -25.46
CA TYR A 271 -32.27 0.05 -25.56
C TYR A 271 -32.41 0.78 -26.90
N MET A 272 -31.82 1.96 -27.03
CA MET A 272 -31.87 2.68 -28.29
C MET A 272 -30.56 3.38 -28.66
N ARG A 273 -30.30 3.44 -29.97
CA ARG A 273 -29.28 4.33 -30.51
C ARG A 273 -29.97 5.21 -31.55
N LEU A 274 -29.98 6.51 -31.30
CA LEU A 274 -30.75 7.43 -32.12
C LEU A 274 -30.04 8.75 -32.32
N ASP A 275 -29.58 8.97 -33.54
CA ASP A 275 -28.95 10.22 -33.92
C ASP A 275 -29.65 10.72 -35.18
N PRO A 276 -30.67 11.59 -35.02
CA PRO A 276 -31.51 12.06 -36.12
C PRO A 276 -30.71 12.72 -37.26
N TYR A 277 -29.49 13.16 -36.97
CA TYR A 277 -28.66 13.82 -37.97
C TYR A 277 -27.96 12.79 -38.84
N PHE A 278 -27.64 11.65 -38.26
CA PHE A 278 -26.91 10.60 -38.99
C PHE A 278 -27.76 9.40 -39.41
N THR A 279 -29.03 9.38 -39.01
CA THR A 279 -29.88 8.22 -39.28
C THR A 279 -30.54 8.24 -40.66
N SER A 280 -30.20 7.22 -41.45
CA SER A 280 -30.66 7.07 -42.83
C SER A 280 -31.61 5.88 -42.99
N VAL A 281 -32.74 6.14 -43.65
CA VAL A 281 -33.71 5.10 -43.95
C VAL A 281 -33.83 4.96 -45.47
N PRO A 282 -33.69 3.72 -46.00
CA PRO A 282 -33.91 3.45 -47.42
C PRO A 282 -35.29 3.88 -47.90
N GLN A 283 -35.36 4.51 -49.07
CA GLN A 283 -36.59 5.15 -49.54
C GLN A 283 -37.72 4.18 -49.85
N ASP A 284 -37.37 2.94 -50.19
CA ASP A 284 -38.34 1.88 -50.49
C ASP A 284 -39.05 1.40 -49.24
N ASP A 285 -38.32 1.38 -48.13
CA ASP A 285 -38.81 0.78 -46.90
C ASP A 285 -39.80 1.69 -46.19
N THR A 286 -41.03 1.66 -46.69
CA THR A 286 -42.13 2.44 -46.13
C THR A 286 -42.34 2.18 -44.65
N ASP A 287 -42.28 0.92 -44.24
CA ASP A 287 -42.49 0.55 -42.84
C ASP A 287 -41.42 1.11 -41.91
N ALA A 288 -40.16 1.02 -42.33
CA ALA A 288 -39.04 1.55 -41.57
C ALA A 288 -39.12 3.06 -41.41
N ARG A 289 -39.44 3.76 -42.49
CA ARG A 289 -39.61 5.21 -42.47
C ARG A 289 -40.70 5.61 -41.48
N ARG A 290 -41.84 4.93 -41.57
CA ARG A 290 -42.95 5.14 -40.65
C ARG A 290 -42.51 4.91 -39.21
N ALA A 291 -41.80 3.80 -38.97
CA ALA A 291 -41.33 3.44 -37.63
C ALA A 291 -40.32 4.44 -37.07
N TYR A 292 -39.43 4.92 -37.93
CA TYR A 292 -38.45 5.93 -37.53
C TYR A 292 -39.10 7.27 -37.22
N ASP A 293 -40.01 7.70 -38.08
CA ASP A 293 -40.79 8.91 -37.81
C ASP A 293 -41.45 8.84 -36.43
N ALA A 294 -42.00 7.66 -36.09
CA ALA A 294 -42.62 7.43 -34.79
C ALA A 294 -41.63 7.50 -33.63
N LEU A 295 -40.48 6.82 -33.79
CA LEU A 295 -39.45 6.82 -32.76
C LEU A 295 -38.92 8.23 -32.52
N PHE A 296 -38.60 8.93 -33.62
CA PHE A 296 -38.10 10.29 -33.54
C PHE A 296 -39.10 11.20 -32.84
N LYS A 297 -40.35 11.07 -33.27
CA LYS A 297 -41.49 11.74 -32.64
C LYS A 297 -41.54 11.56 -31.12
N VAL A 298 -41.59 10.32 -30.65
CA VAL A 298 -41.77 10.07 -29.22
C VAL A 298 -40.60 10.61 -28.40
N VAL A 299 -39.39 10.33 -28.84
CA VAL A 299 -38.18 10.83 -28.17
C VAL A 299 -38.16 12.36 -28.15
N ASP A 300 -38.46 12.99 -29.28
CA ASP A 300 -38.54 14.45 -29.33
C ASP A 300 -39.56 14.99 -28.33
N SER A 301 -40.68 14.29 -28.16
CA SER A 301 -41.74 14.72 -27.23
C SER A 301 -41.35 14.56 -25.76
N GLY A 302 -40.29 13.80 -25.49
CA GLY A 302 -39.93 13.45 -24.12
C GLY A 302 -38.68 14.09 -23.58
N MET A 303 -38.24 15.20 -24.18
CA MET A 303 -37.02 15.86 -23.73
C MET A 303 -37.25 16.52 -22.37
N ARG A 304 -36.43 16.14 -21.39
CA ARG A 304 -36.47 16.77 -20.07
C ARG A 304 -35.34 17.78 -19.92
N GLU A 305 -35.62 18.82 -19.15
CA GLU A 305 -34.61 19.79 -18.78
C GLU A 305 -34.06 19.38 -17.43
N VAL A 306 -32.77 19.11 -17.41
CA VAL A 306 -32.07 18.70 -16.19
C VAL A 306 -30.97 19.71 -15.92
N VAL A 307 -31.13 20.48 -14.86
CA VAL A 307 -30.09 21.41 -14.43
C VAL A 307 -29.08 20.68 -13.56
N ALA A 308 -27.87 20.53 -14.06
CA ALA A 308 -26.77 20.09 -13.22
C ALA A 308 -26.19 21.34 -12.60
N ASP A 309 -26.61 21.63 -11.38
CA ASP A 309 -26.10 22.78 -10.65
C ASP A 309 -24.76 22.44 -10.00
N GLN A 310 -24.08 23.48 -9.50
CA GLN A 310 -22.83 23.33 -8.77
C GLN A 310 -22.98 22.23 -7.74
N GLY A 311 -22.19 21.17 -7.88
CA GLY A 311 -22.23 20.04 -6.97
C GLY A 311 -23.11 18.89 -7.41
N ASP A 312 -23.77 19.03 -8.56
CA ASP A 312 -24.55 17.94 -9.13
C ASP A 312 -23.71 17.13 -10.10
N VAL A 313 -23.78 15.82 -9.96
CA VAL A 313 -23.21 14.91 -10.95
C VAL A 313 -24.37 14.20 -11.63
N LEU A 314 -24.43 14.34 -12.95
CA LEU A 314 -25.48 13.78 -13.78
C LEU A 314 -24.98 12.51 -14.47
N PHE A 315 -25.78 11.46 -14.38
CA PHE A 315 -25.44 10.16 -14.96
C PHE A 315 -26.38 9.82 -16.10
N ILE A 316 -25.79 9.57 -17.27
CA ILE A 316 -26.59 9.27 -18.46
C ILE A 316 -26.31 7.88 -18.98
N ASP A 317 -27.38 7.13 -19.21
CA ASP A 317 -27.31 5.80 -19.83
C ASP A 317 -27.46 5.97 -21.34
N ASN A 318 -26.32 5.87 -22.03
CA ASN A 318 -26.25 6.11 -23.48
C ASN A 318 -26.97 5.05 -24.32
N HIS A 319 -27.60 4.08 -23.65
CA HIS A 319 -28.45 3.11 -24.30
C HIS A 319 -29.90 3.35 -24.00
N ARG A 320 -30.18 4.28 -23.09
CA ARG A 320 -31.56 4.54 -22.68
C ARG A 320 -31.97 6.02 -22.75
N ALA A 321 -31.01 6.90 -23.04
CA ALA A 321 -31.29 8.32 -23.07
C ALA A 321 -30.47 9.04 -24.12
N VAL A 322 -31.09 10.03 -24.74
CA VAL A 322 -30.39 10.93 -25.63
C VAL A 322 -30.05 12.18 -24.81
N HIS A 323 -29.09 12.97 -25.28
CA HIS A 323 -28.68 14.14 -24.55
C HIS A 323 -28.42 15.31 -25.46
N GLY A 324 -28.49 16.51 -24.89
CA GLY A 324 -28.06 17.73 -25.55
C GLY A 324 -27.97 18.82 -24.49
N ARG A 325 -27.77 20.06 -24.93
CA ARG A 325 -27.73 21.22 -24.02
C ARG A 325 -28.38 22.44 -24.66
N LEU A 326 -29.12 23.20 -23.84
CA LEU A 326 -29.78 24.41 -24.28
C LEU A 326 -28.77 25.55 -24.52
N PRO A 327 -29.08 26.46 -25.46
CA PRO A 327 -28.21 27.61 -25.70
C PRO A 327 -28.15 28.53 -24.48
N PHE A 328 -27.02 29.21 -24.30
CA PHE A 328 -26.86 30.22 -23.25
C PHE A 328 -25.83 31.29 -23.64
N GLN A 329 -25.78 32.39 -22.89
CA GLN A 329 -24.79 33.44 -23.13
C GLN A 329 -23.65 33.35 -22.13
N ALA A 330 -22.43 33.26 -22.64
CA ALA A 330 -21.25 33.19 -21.79
C ALA A 330 -20.82 34.58 -21.36
N ARG A 331 -20.20 34.66 -20.18
CA ARG A 331 -19.60 35.91 -19.67
C ARG A 331 -18.13 36.05 -20.08
N TYR A 332 -17.45 34.91 -20.28
CA TYR A 332 -16.03 34.86 -20.65
C TYR A 332 -15.10 35.56 -19.64
N ASP A 333 -15.51 35.56 -18.37
CA ASP A 333 -14.81 36.28 -17.30
C ASP A 333 -14.21 35.35 -16.25
N GLY A 334 -14.43 34.05 -16.41
CA GLY A 334 -13.92 33.08 -15.45
C GLY A 334 -14.95 32.61 -14.43
N THR A 335 -16.21 33.02 -14.62
CA THR A 335 -17.29 32.64 -13.72
C THR A 335 -18.27 31.69 -14.39
N ASP A 336 -17.97 31.37 -15.65
CA ASP A 336 -18.87 30.61 -16.52
C ASP A 336 -19.11 29.19 -16.10
N ARG A 337 -20.28 28.68 -16.48
CA ARG A 337 -20.61 27.26 -16.38
C ARG A 337 -19.39 26.41 -16.72
N TRP A 338 -19.04 25.49 -15.81
CA TRP A 338 -17.92 24.56 -16.01
C TRP A 338 -18.30 23.18 -15.58
N LEU A 339 -18.38 22.26 -16.55
CA LEU A 339 -18.65 20.86 -16.23
C LEU A 339 -17.46 19.99 -16.62
N LYS A 340 -17.32 18.87 -15.93
CA LYS A 340 -16.37 17.84 -16.32
C LYS A 340 -17.16 16.65 -16.89
N ARG A 341 -16.58 15.98 -17.88
CA ARG A 341 -17.20 14.81 -18.49
C ARG A 341 -16.30 13.57 -18.51
N VAL A 342 -16.85 12.43 -18.11
CA VAL A 342 -16.20 11.13 -18.27
C VAL A 342 -17.07 10.15 -19.04
N CYS A 343 -16.48 9.49 -20.04
CA CYS A 343 -17.16 8.49 -20.86
C CYS A 343 -16.90 7.09 -20.27
N VAL A 344 -17.95 6.27 -20.19
CA VAL A 344 -17.88 4.97 -19.52
C VAL A 344 -18.21 3.82 -20.48
N THR A 345 -17.32 2.83 -20.53
CA THR A 345 -17.58 1.59 -21.25
C THR A 345 -17.77 0.46 -20.25
N SER A 346 -18.70 -0.44 -20.56
CA SER A 346 -18.89 -1.64 -19.75
C SER A 346 -17.89 -2.72 -20.13
N ASP A 347 -17.27 -2.56 -21.30
CA ASP A 347 -16.30 -3.52 -21.78
C ASP A 347 -15.18 -2.84 -22.57
N LEU A 348 -14.07 -2.62 -21.89
CA LEU A 348 -12.87 -2.02 -22.48
C LEU A 348 -12.29 -2.86 -23.62
N ARG A 349 -12.34 -4.19 -23.46
CA ARG A 349 -11.74 -5.09 -24.44
C ARG A 349 -12.51 -5.20 -25.77
N ARG A 350 -13.77 -4.80 -25.78
CA ARG A 350 -14.57 -4.82 -27.01
C ARG A 350 -13.98 -3.92 -28.08
N SER A 351 -13.37 -2.81 -27.66
CA SER A 351 -12.79 -1.83 -28.56
C SER A 351 -11.29 -2.06 -28.78
N ARG A 352 -10.80 -3.25 -28.45
CA ARG A 352 -9.36 -3.52 -28.50
C ARG A 352 -8.76 -3.25 -29.87
N GLU A 353 -9.49 -3.62 -30.92
CA GLU A 353 -9.03 -3.50 -32.31
C GLU A 353 -8.64 -2.09 -32.69
N MET A 354 -9.22 -1.13 -31.98
CA MET A 354 -9.06 0.27 -32.33
C MET A 354 -8.27 1.04 -31.28
N ARG A 355 -7.58 0.30 -30.41
CA ARG A 355 -6.68 0.87 -29.41
C ARG A 355 -5.24 0.42 -29.69
N ALA A 356 -4.32 1.38 -29.69
CA ALA A 356 -2.91 1.16 -30.01
C ALA A 356 -2.28 0.00 -29.22
N THR A 357 -2.43 0.04 -27.91
CA THR A 357 -1.90 -0.98 -27.00
C THR A 357 -3.03 -1.63 -26.22
N SER A 358 -2.71 -2.69 -25.48
CA SER A 358 -3.67 -3.34 -24.60
C SER A 358 -4.01 -2.45 -23.41
N ALA A 359 -3.07 -1.60 -23.04
CA ALA A 359 -3.16 -0.78 -21.83
C ALA A 359 -3.84 0.56 -22.02
N THR A 360 -3.80 1.10 -23.23
CA THR A 360 -4.39 2.41 -23.51
C THR A 360 -5.92 2.35 -23.39
N ARG A 361 -6.51 3.41 -22.87
CA ARG A 361 -7.97 3.53 -22.76
C ARG A 361 -8.46 4.52 -23.80
N LEU A 362 -7.61 4.77 -24.79
CA LEU A 362 -7.90 5.73 -25.84
C LEU A 362 -8.12 5.01 -27.16
N LEU A 363 -9.23 5.34 -27.81
CA LEU A 363 -9.57 4.76 -29.09
C LEU A 363 -9.13 5.69 -30.21
N GLY A 364 -8.62 5.11 -31.29
CA GLY A 364 -8.21 5.88 -32.46
C GLY A 364 -6.74 6.26 -32.46
N THR B 29 3.93 -16.72 -16.69
CA THR B 29 2.51 -16.40 -16.35
C THR B 29 2.29 -16.20 -14.84
N PRO B 30 2.00 -14.94 -14.44
CA PRO B 30 1.79 -14.51 -13.06
C PRO B 30 0.86 -15.36 -12.21
N SER B 31 1.20 -15.44 -10.94
CA SER B 31 0.36 -16.04 -9.94
C SER B 31 0.52 -15.23 -8.66
N TYR B 32 -0.40 -15.44 -7.73
CA TYR B 32 -0.38 -14.72 -6.48
C TYR B 32 -0.47 -15.73 -5.36
N SER B 33 0.52 -15.70 -4.47
CA SER B 33 0.49 -16.56 -3.29
C SER B 33 0.10 -15.78 -2.05
N LEU B 34 -1.06 -16.14 -1.48
CA LEU B 34 -1.59 -15.49 -0.30
C LEU B 34 -0.77 -15.79 0.95
N THR B 35 -0.57 -14.77 1.78
CA THR B 35 -0.11 -14.96 3.14
C THR B 35 -1.25 -15.62 3.93
N PRO B 36 -0.93 -16.34 5.02
CA PRO B 36 -2.00 -16.87 5.86
C PRO B 36 -2.99 -15.79 6.36
N ALA B 37 -2.48 -14.59 6.61
CA ALA B 37 -3.31 -13.47 7.08
C ALA B 37 -4.32 -13.04 6.03
N GLU B 38 -3.89 -13.02 4.76
CA GLU B 38 -4.80 -12.75 3.67
C GLU B 38 -5.83 -13.87 3.57
N ALA B 39 -5.37 -15.11 3.69
CA ALA B 39 -6.22 -16.29 3.58
C ALA B 39 -7.26 -16.34 4.69
N SER B 40 -6.82 -16.02 5.90
CA SER B 40 -7.69 -15.98 7.07
C SER B 40 -8.69 -14.85 6.94
N ALA B 41 -8.26 -13.75 6.35
CA ALA B 41 -9.13 -12.61 6.17
C ALA B 41 -10.19 -12.92 5.11
N VAL B 42 -9.79 -13.69 4.09
CA VAL B 42 -10.71 -14.13 3.04
C VAL B 42 -11.73 -15.10 3.63
N ALA B 43 -11.23 -16.11 4.36
CA ALA B 43 -12.09 -17.07 5.05
C ALA B 43 -13.11 -16.36 5.94
N GLU B 44 -12.61 -15.51 6.87
CA GLU B 44 -13.48 -14.77 7.78
C GLU B 44 -14.55 -13.94 7.07
N LEU B 45 -14.18 -13.28 5.98
CA LEU B 45 -15.12 -12.45 5.23
C LEU B 45 -16.26 -13.28 4.63
N THR B 46 -15.90 -14.41 4.01
CA THR B 46 -16.87 -15.23 3.29
C THR B 46 -17.78 -15.97 4.26
N LEU B 47 -17.24 -16.38 5.41
CA LEU B 47 -18.05 -16.99 6.48
C LEU B 47 -19.11 -16.01 7.00
N GLU B 48 -18.68 -14.78 7.26
CA GLU B 48 -19.57 -13.73 7.71
C GLU B 48 -20.66 -13.54 6.68
N LEU B 49 -20.25 -13.30 5.44
CA LEU B 49 -21.16 -13.16 4.31
C LEU B 49 -22.15 -14.31 4.22
N ALA B 50 -21.65 -15.53 4.36
CA ALA B 50 -22.47 -16.74 4.29
C ALA B 50 -23.61 -16.71 5.30
N ALA B 51 -23.32 -16.18 6.48
CA ALA B 51 -24.32 -16.09 7.54
C ALA B 51 -25.26 -14.89 7.37
N ALA B 52 -24.87 -13.94 6.52
CA ALA B 52 -25.63 -12.70 6.34
C ALA B 52 -26.52 -12.68 5.10
N TYR B 53 -26.49 -13.74 4.29
CA TYR B 53 -27.29 -13.78 3.07
C TYR B 53 -28.01 -15.11 2.84
N GLY B 54 -27.36 -16.22 3.20
CA GLY B 54 -27.96 -17.54 3.09
C GLY B 54 -28.58 -17.95 1.75
N SER B 55 -28.24 -17.23 0.67
CA SER B 55 -28.68 -17.60 -0.69
C SER B 55 -28.09 -16.70 -1.78
N PHE B 56 -27.96 -17.24 -3.00
CA PHE B 56 -27.72 -16.40 -4.16
C PHE B 56 -29.04 -15.81 -4.66
N GLY B 57 -30.13 -16.23 -4.04
CA GLY B 57 -31.47 -15.74 -4.36
C GLY B 57 -31.58 -14.23 -4.26
N ASP B 58 -31.60 -13.72 -3.03
CA ASP B 58 -31.82 -12.29 -2.78
C ASP B 58 -30.94 -11.39 -3.66
N PRO B 59 -31.58 -10.41 -4.34
CA PRO B 59 -30.88 -9.55 -5.28
C PRO B 59 -29.96 -8.57 -4.58
N VAL B 60 -30.07 -8.50 -3.26
CA VAL B 60 -29.27 -7.58 -2.44
C VAL B 60 -27.81 -8.04 -2.32
N LEU B 61 -27.58 -9.35 -2.22
CA LEU B 61 -26.21 -9.89 -2.33
C LEU B 61 -25.63 -9.57 -3.71
N LEU B 62 -26.41 -9.88 -4.74
CA LEU B 62 -26.05 -9.58 -6.12
C LEU B 62 -25.74 -8.09 -6.28
N ARG B 63 -26.49 -7.27 -5.55
CA ARG B 63 -26.29 -5.83 -5.51
C ARG B 63 -24.99 -5.44 -4.80
N ASP B 64 -24.81 -5.94 -3.58
CA ASP B 64 -23.68 -5.57 -2.71
C ASP B 64 -22.34 -6.19 -3.14
N LEU B 65 -22.42 -7.18 -4.03
CA LEU B 65 -21.27 -8.00 -4.41
C LEU B 65 -19.96 -7.20 -4.66
N PRO B 66 -19.96 -6.23 -5.59
CA PRO B 66 -18.68 -5.51 -5.78
C PRO B 66 -18.19 -4.73 -4.55
N ARG B 67 -19.11 -4.17 -3.76
CA ARG B 67 -18.69 -3.46 -2.55
C ARG B 67 -18.04 -4.44 -1.57
N LEU B 68 -18.69 -5.60 -1.40
CA LEU B 68 -18.17 -6.71 -0.61
C LEU B 68 -16.80 -7.14 -1.08
N ALA B 69 -16.64 -7.23 -2.40
CA ALA B 69 -15.37 -7.63 -3.00
C ALA B 69 -14.23 -6.68 -2.63
N ALA B 70 -14.57 -5.41 -2.43
CA ALA B 70 -13.62 -4.42 -1.93
C ALA B 70 -13.19 -4.67 -0.47
N ARG B 71 -13.82 -5.61 0.21
CA ARG B 71 -13.41 -6.01 1.55
C ARG B 71 -12.38 -7.14 1.51
N LEU B 72 -12.04 -7.59 0.30
CA LEU B 72 -11.00 -8.60 0.11
C LEU B 72 -9.62 -7.97 0.33
N PRO B 73 -8.59 -8.80 0.63
CA PRO B 73 -7.26 -8.22 0.82
C PRO B 73 -6.83 -7.38 -0.37
N GLU B 74 -6.20 -6.24 -0.11
CA GLU B 74 -5.97 -5.23 -1.15
C GLU B 74 -5.03 -5.66 -2.28
N GLY B 75 -3.99 -6.42 -1.96
CA GLY B 75 -3.05 -6.97 -2.97
C GLY B 75 -3.71 -8.00 -3.88
N VAL B 76 -4.69 -8.72 -3.33
CA VAL B 76 -5.49 -9.66 -4.09
C VAL B 76 -6.31 -8.89 -5.11
N GLN B 77 -6.99 -7.84 -4.65
CA GLN B 77 -7.78 -6.98 -5.53
C GLN B 77 -6.93 -6.36 -6.63
N ASP B 78 -5.74 -5.90 -6.25
CA ASP B 78 -4.86 -5.21 -7.20
C ASP B 78 -4.24 -6.16 -8.21
N PHE B 79 -3.91 -7.37 -7.77
CA PHE B 79 -3.40 -8.42 -8.66
C PHE B 79 -4.41 -8.83 -9.73
N LEU B 80 -5.64 -9.13 -9.32
CA LEU B 80 -6.72 -9.49 -10.25
C LEU B 80 -6.94 -8.41 -11.30
N ARG B 81 -7.04 -7.18 -10.84
CA ARG B 81 -7.26 -6.05 -11.73
C ARG B 81 -6.11 -5.86 -12.73
N GLU B 82 -4.87 -6.02 -12.27
CA GLU B 82 -3.71 -5.97 -13.17
C GLU B 82 -3.81 -7.02 -14.27
N PHE B 83 -4.29 -8.22 -13.90
CA PHE B 83 -4.50 -9.31 -14.84
C PHE B 83 -5.54 -8.93 -15.90
N LYS B 84 -6.66 -8.39 -15.42
CA LYS B 84 -7.75 -7.94 -16.28
C LYS B 84 -7.29 -6.83 -17.20
N LEU B 85 -6.68 -5.79 -16.61
CA LEU B 85 -6.28 -4.61 -17.35
C LEU B 85 -5.10 -4.84 -18.30
N ALA B 86 -4.14 -5.68 -17.91
CA ALA B 86 -2.98 -5.93 -18.77
C ALA B 86 -3.40 -6.60 -20.07
N ASP B 87 -4.49 -7.38 -20.02
CA ASP B 87 -5.04 -8.08 -21.19
C ASP B 87 -3.93 -8.71 -22.00
N ARG B 88 -3.19 -9.62 -21.35
CA ARG B 88 -1.94 -10.13 -21.85
C ARG B 88 -1.88 -11.65 -21.66
N HIS B 89 -2.28 -12.11 -20.48
CA HIS B 89 -2.14 -13.53 -20.12
C HIS B 89 -3.43 -14.31 -20.26
N GLY B 90 -3.29 -15.59 -20.57
CA GLY B 90 -4.44 -16.48 -20.77
C GLY B 90 -5.10 -16.89 -19.47
N HIS B 91 -4.31 -16.93 -18.40
CA HIS B 91 -4.81 -17.34 -17.09
C HIS B 91 -3.93 -16.80 -15.99
N THR B 92 -4.47 -16.72 -14.77
CA THR B 92 -3.67 -16.54 -13.55
C THR B 92 -4.26 -17.39 -12.44
N VAL B 93 -3.51 -17.48 -11.33
CA VAL B 93 -3.92 -18.25 -10.17
C VAL B 93 -3.65 -17.50 -8.88
N ILE B 94 -4.69 -17.40 -8.04
CA ILE B 94 -4.50 -17.01 -6.66
C ILE B 94 -4.48 -18.30 -5.82
N ARG B 95 -3.34 -18.55 -5.19
CA ARG B 95 -3.15 -19.76 -4.41
C ARG B 95 -3.00 -19.48 -2.92
N GLY B 96 -3.22 -20.50 -2.11
CA GLY B 96 -3.07 -20.40 -0.66
C GLY B 96 -4.30 -19.91 0.07
N HIS B 97 -5.49 -20.10 -0.53
CA HIS B 97 -6.73 -19.86 0.18
C HIS B 97 -6.88 -20.92 1.23
N ASP B 98 -7.52 -20.56 2.33
CA ASP B 98 -7.79 -21.53 3.36
C ASP B 98 -9.20 -22.07 3.15
N PHE B 99 -9.31 -23.27 2.58
CA PHE B 99 -10.59 -23.94 2.39
C PHE B 99 -10.75 -25.09 3.40
N ASP B 100 -11.41 -24.79 4.51
CA ASP B 100 -11.62 -25.72 5.61
C ASP B 100 -12.31 -27.02 5.16
N GLN B 101 -11.53 -28.10 5.15
CA GLN B 101 -11.99 -29.39 4.63
C GLN B 101 -13.00 -30.10 5.52
N ARG B 102 -12.94 -29.86 6.82
CA ARG B 102 -13.93 -30.39 7.76
C ARG B 102 -15.26 -29.70 7.54
N ARG B 103 -15.24 -28.36 7.48
CA ARG B 103 -16.46 -27.58 7.27
C ARG B 103 -17.08 -27.88 5.90
N ILE B 104 -16.23 -27.99 4.88
CA ILE B 104 -16.70 -28.23 3.51
C ILE B 104 -17.35 -29.60 3.40
N GLY B 105 -16.76 -30.59 4.06
CA GLY B 105 -17.32 -31.94 4.10
C GLY B 105 -16.92 -32.80 2.90
N PRO B 106 -17.55 -34.00 2.80
CA PRO B 106 -17.23 -34.91 1.70
C PRO B 106 -17.70 -34.40 0.35
N THR B 107 -16.96 -34.75 -0.69
CA THR B 107 -17.36 -34.48 -2.06
C THR B 107 -18.65 -35.26 -2.36
N PRO B 108 -19.71 -34.55 -2.78
CA PRO B 108 -21.02 -35.18 -2.99
C PRO B 108 -20.98 -36.21 -4.11
N ASP B 109 -21.96 -37.12 -4.14
CA ASP B 109 -22.08 -38.10 -5.23
C ASP B 109 -22.89 -37.56 -6.38
N HIS B 110 -23.74 -36.58 -6.08
CA HIS B 110 -24.52 -35.85 -7.08
C HIS B 110 -24.59 -34.41 -6.65
N TRP B 111 -24.95 -33.52 -7.59
CA TRP B 111 -25.15 -32.11 -7.27
C TRP B 111 -26.61 -31.78 -7.28
N ARG B 112 -27.39 -32.53 -8.05
CA ARG B 112 -28.83 -32.38 -8.09
C ARG B 112 -29.47 -32.94 -6.82
N GLY B 113 -30.33 -32.14 -6.19
CA GLY B 113 -31.06 -32.60 -5.02
C GLY B 113 -30.49 -32.10 -3.71
N ARG B 114 -29.29 -31.51 -3.78
CA ARG B 114 -28.62 -30.96 -2.60
C ARG B 114 -29.39 -29.75 -2.10
N VAL B 115 -29.40 -29.59 -0.78
CA VAL B 115 -29.92 -28.39 -0.17
C VAL B 115 -28.84 -27.30 -0.34
N ARG B 116 -29.25 -26.23 -1.03
CA ARG B 116 -28.39 -25.09 -1.29
C ARG B 116 -28.96 -23.91 -0.53
N PRO B 117 -28.09 -23.08 0.09
CA PRO B 117 -26.62 -23.17 0.07
C PRO B 117 -26.10 -24.26 1.00
N GLY B 118 -25.06 -24.96 0.57
CA GLY B 118 -24.47 -26.03 1.39
C GLY B 118 -23.44 -25.51 2.37
N PRO B 119 -22.69 -26.45 3.00
CA PRO B 119 -21.55 -26.11 3.87
C PRO B 119 -20.46 -25.35 3.12
N GLU B 120 -20.34 -25.60 1.82
CA GLU B 120 -19.34 -24.94 0.99
C GLU B 120 -19.77 -23.55 0.45
N PHE B 121 -20.85 -23.00 1.01
CA PHE B 121 -21.37 -21.67 0.64
C PHE B 121 -20.30 -20.56 0.70
N PRO B 122 -19.48 -20.52 1.77
CA PRO B 122 -18.41 -19.49 1.78
C PRO B 122 -17.57 -19.49 0.50
N GLU B 123 -17.08 -20.66 0.09
CA GLU B 123 -16.23 -20.77 -1.09
C GLU B 123 -16.94 -20.29 -2.35
N GLU B 124 -18.23 -20.58 -2.44
CA GLU B 124 -19.05 -20.14 -3.57
C GLU B 124 -19.12 -18.62 -3.59
N LEU B 125 -19.29 -18.03 -2.42
CA LEU B 125 -19.28 -16.58 -2.27
C LEU B 125 -17.92 -15.96 -2.62
N LEU B 126 -16.84 -16.68 -2.32
CA LEU B 126 -15.50 -16.22 -2.67
C LEU B 126 -15.38 -16.02 -4.18
N LEU B 127 -15.89 -16.98 -4.94
CA LEU B 127 -15.83 -16.91 -6.40
C LEU B 127 -16.80 -15.86 -6.96
N MET B 128 -17.93 -15.66 -6.29
CA MET B 128 -18.87 -14.60 -6.66
C MET B 128 -18.24 -13.22 -6.41
N LEU B 129 -17.46 -13.10 -5.34
CA LEU B 129 -16.71 -11.87 -5.05
C LEU B 129 -15.67 -11.61 -6.14
N TYR B 130 -14.89 -12.64 -6.49
CA TYR B 130 -13.89 -12.55 -7.57
C TYR B 130 -14.54 -12.20 -8.89
N SER B 131 -15.72 -12.78 -9.15
CA SER B 131 -16.46 -12.50 -10.38
C SER B 131 -16.84 -11.01 -10.44
N ALA B 132 -17.27 -10.46 -9.31
CA ALA B 132 -17.59 -9.04 -9.23
C ALA B 132 -16.37 -8.12 -9.40
N LEU B 133 -15.17 -8.67 -9.16
CA LEU B 133 -13.96 -7.93 -9.46
C LEU B 133 -13.64 -7.92 -10.96
N LEU B 134 -13.94 -9.02 -11.64
CA LEU B 134 -13.68 -9.06 -13.07
C LEU B 134 -14.80 -8.41 -13.90
N GLY B 135 -16.05 -8.57 -13.44
CA GLY B 135 -17.21 -8.01 -14.12
C GLY B 135 -18.50 -8.40 -13.40
N GLU B 136 -19.24 -9.31 -14.02
CA GLU B 136 -20.48 -9.80 -13.42
C GLU B 136 -20.62 -11.32 -13.52
N PRO B 137 -21.11 -11.95 -12.46
CA PRO B 137 -21.49 -13.35 -12.56
C PRO B 137 -22.73 -13.51 -13.43
N PHE B 138 -22.74 -14.56 -14.24
CA PHE B 138 -23.93 -14.92 -15.00
C PHE B 138 -23.93 -16.43 -15.27
N GLY B 139 -25.11 -16.95 -15.59
CA GLY B 139 -25.26 -18.36 -15.91
C GLY B 139 -26.23 -18.60 -17.05
N TRP B 140 -26.58 -19.87 -17.23
CA TRP B 140 -27.55 -20.31 -18.23
C TRP B 140 -28.65 -21.03 -17.53
N ALA B 141 -29.90 -20.70 -17.88
CA ALA B 141 -31.07 -21.33 -17.27
C ALA B 141 -31.04 -22.85 -17.48
N THR B 142 -30.38 -23.26 -18.57
CA THR B 142 -30.31 -24.66 -19.01
C THR B 142 -29.21 -25.46 -18.30
N GLN B 143 -28.12 -24.79 -17.93
CA GLN B 143 -26.98 -25.45 -17.31
C GLN B 143 -27.10 -25.55 -15.79
N GLN B 144 -26.79 -26.74 -15.27
CA GLN B 144 -26.84 -27.06 -13.84
C GLN B 144 -27.93 -26.35 -13.02
N ASP B 145 -29.18 -26.53 -13.45
CA ASP B 145 -30.38 -26.04 -12.73
C ASP B 145 -30.49 -24.52 -12.60
N GLY B 146 -29.63 -23.79 -13.30
CA GLY B 146 -29.62 -22.33 -13.22
C GLY B 146 -28.81 -21.75 -12.08
N HIS B 147 -27.97 -22.58 -11.44
CA HIS B 147 -27.10 -22.10 -10.38
C HIS B 147 -25.97 -21.27 -10.93
N LEU B 148 -25.72 -20.12 -10.31
CA LEU B 148 -24.68 -19.20 -10.78
C LEU B 148 -23.27 -19.74 -10.51
N VAL B 149 -23.16 -20.58 -9.49
CA VAL B 149 -21.92 -21.28 -9.21
C VAL B 149 -22.20 -22.75 -9.43
N HIS B 150 -21.53 -23.37 -10.39
CA HIS B 150 -21.71 -24.81 -10.51
C HIS B 150 -20.60 -25.70 -10.07
N ASP B 151 -20.91 -26.99 -10.04
CA ASP B 151 -20.07 -28.03 -9.45
C ASP B 151 -19.35 -28.81 -10.51
N ILE B 152 -18.08 -29.13 -10.23
CA ILE B 152 -17.27 -30.02 -11.06
C ILE B 152 -16.64 -31.08 -10.16
N PHE B 153 -17.32 -32.22 -10.06
CA PHE B 153 -16.79 -33.40 -9.39
C PHE B 153 -17.28 -34.65 -10.12
N PRO B 154 -16.62 -35.81 -9.89
CA PRO B 154 -17.08 -37.03 -10.58
C PRO B 154 -18.39 -37.60 -10.02
N ILE B 155 -19.30 -37.93 -10.93
CA ILE B 155 -20.57 -38.58 -10.59
C ILE B 155 -20.53 -40.00 -11.15
N ARG B 156 -21.02 -40.98 -10.38
CA ARG B 156 -21.00 -42.39 -10.78
C ARG B 156 -21.95 -42.68 -11.95
N SER B 157 -22.94 -41.81 -12.13
CA SER B 157 -23.85 -41.86 -13.27
C SER B 157 -23.13 -41.40 -14.53
N HIS B 158 -22.62 -40.17 -14.48
CA HIS B 158 -21.88 -39.54 -15.60
C HIS B 158 -20.42 -39.89 -15.49
N GLU B 159 -20.08 -41.13 -15.84
CA GLU B 159 -18.71 -41.66 -15.70
C GLU B 159 -17.80 -41.40 -16.90
N ASN B 160 -18.41 -41.10 -18.06
CA ASN B 160 -17.66 -40.76 -19.26
C ASN B 160 -17.06 -39.35 -19.21
N LEU B 171 -11.30 -34.43 -22.10
CA LEU B 171 -12.34 -33.62 -22.75
C LEU B 171 -11.76 -32.57 -23.72
N THR B 172 -10.68 -32.95 -24.41
CA THR B 172 -10.04 -32.09 -25.43
C THR B 172 -9.89 -30.63 -24.97
N TRP B 173 -10.18 -29.65 -25.83
CA TRP B 173 -10.14 -28.23 -25.44
C TRP B 173 -10.97 -27.28 -26.27
N HIS B 174 -11.36 -26.15 -25.66
CA HIS B 174 -12.16 -25.12 -26.35
C HIS B 174 -12.30 -23.79 -25.64
N THR B 175 -12.68 -22.78 -26.41
CA THR B 175 -13.29 -21.56 -25.89
C THR B 175 -14.68 -21.93 -25.37
N GLU B 176 -15.02 -21.50 -24.16
CA GLU B 176 -16.36 -21.79 -23.61
C GLU B 176 -17.42 -21.09 -24.44
N ASP B 177 -18.37 -21.88 -24.93
CA ASP B 177 -19.51 -21.40 -25.72
C ASP B 177 -19.12 -20.56 -26.93
N ALA B 178 -18.12 -21.04 -27.67
CA ALA B 178 -17.54 -20.32 -28.81
C ALA B 178 -18.58 -19.81 -29.83
N PHE B 179 -19.69 -20.53 -29.96
CA PHE B 179 -20.75 -20.17 -30.90
C PHE B 179 -21.50 -18.91 -30.47
N HIS B 180 -21.61 -18.74 -29.16
CA HIS B 180 -22.50 -17.74 -28.60
C HIS B 180 -21.87 -16.38 -28.46
N PRO B 181 -22.57 -15.33 -28.94
CA PRO B 181 -22.03 -13.98 -28.83
C PRO B 181 -22.03 -13.48 -27.38
N TYR B 182 -22.87 -14.10 -26.54
CA TYR B 182 -22.95 -13.72 -25.13
C TYR B 182 -22.19 -14.69 -24.22
N ARG B 183 -21.25 -15.44 -24.79
CA ARG B 183 -20.37 -16.32 -24.04
C ARG B 183 -19.60 -15.56 -22.94
N SER B 184 -19.07 -16.29 -21.96
CA SER B 184 -18.35 -15.68 -20.87
C SER B 184 -17.04 -15.05 -21.31
N ASP B 185 -16.62 -14.03 -20.57
CA ASP B 185 -15.35 -13.35 -20.81
C ASP B 185 -14.24 -13.99 -19.98
N TYR B 186 -14.60 -14.47 -18.80
CA TYR B 186 -13.68 -15.18 -17.93
C TYR B 186 -14.37 -16.35 -17.25
N LEU B 187 -13.64 -17.46 -17.08
CA LEU B 187 -14.06 -18.52 -16.17
C LEU B 187 -13.27 -18.41 -14.87
N ILE B 188 -13.94 -18.70 -13.77
CA ILE B 188 -13.32 -18.80 -12.45
C ILE B 188 -13.50 -20.21 -11.89
N LEU B 189 -12.38 -20.90 -11.66
CA LEU B 189 -12.39 -22.27 -11.15
C LEU B 189 -11.73 -22.32 -9.80
N GLY B 190 -12.54 -22.46 -8.75
CA GLY B 190 -12.04 -22.58 -7.39
C GLY B 190 -11.88 -24.04 -7.03
N ALA B 191 -10.66 -24.46 -6.69
CA ALA B 191 -10.41 -25.85 -6.32
C ALA B 191 -10.60 -26.09 -4.83
N LEU B 192 -11.76 -26.63 -4.47
CA LEU B 192 -12.08 -26.96 -3.08
C LEU B 192 -11.19 -28.09 -2.56
N ARG B 193 -10.93 -29.07 -3.43
CA ARG B 193 -9.93 -30.10 -3.16
C ARG B 193 -9.49 -30.72 -4.47
N ASN B 194 -8.27 -31.25 -4.48
CA ASN B 194 -7.66 -31.86 -5.66
C ASN B 194 -6.49 -32.74 -5.20
N PRO B 195 -6.77 -33.79 -4.40
CA PRO B 195 -5.74 -34.59 -3.75
C PRO B 195 -4.72 -35.17 -4.72
N ASP B 196 -5.17 -35.52 -5.93
CA ASP B 196 -4.34 -36.20 -6.92
C ASP B 196 -3.71 -35.25 -7.93
N HIS B 197 -3.94 -33.96 -7.75
CA HIS B 197 -3.29 -32.90 -8.55
C HIS B 197 -3.64 -32.98 -10.01
N VAL B 198 -4.92 -33.20 -10.30
CA VAL B 198 -5.39 -33.26 -11.68
C VAL B 198 -5.44 -31.87 -12.31
N PRO B 199 -4.62 -31.65 -13.35
CA PRO B 199 -4.50 -30.35 -14.02
C PRO B 199 -5.63 -30.02 -14.99
N THR B 200 -5.76 -28.73 -15.29
CA THR B 200 -6.60 -28.23 -16.35
C THR B 200 -5.68 -27.84 -17.52
N THR B 201 -6.02 -28.25 -18.74
CA THR B 201 -5.26 -27.81 -19.92
C THR B 201 -5.67 -26.40 -20.27
N VAL B 202 -4.69 -25.53 -20.54
CA VAL B 202 -4.93 -24.13 -20.88
C VAL B 202 -3.97 -23.71 -21.99
N GLY B 203 -4.54 -23.30 -23.13
CA GLY B 203 -3.71 -22.98 -24.27
C GLY B 203 -3.93 -21.59 -24.80
N GLU B 204 -2.86 -20.81 -24.82
CA GLU B 204 -2.87 -19.47 -25.39
C GLU B 204 -2.62 -19.55 -26.90
N LEU B 205 -2.57 -18.39 -27.56
CA LEU B 205 -2.38 -18.34 -29.02
C LEU B 205 -1.01 -17.76 -29.39
N ASP B 206 -0.14 -18.60 -29.96
CA ASP B 206 1.18 -18.17 -30.41
C ASP B 206 1.12 -17.70 -31.85
N LEU B 207 1.18 -16.38 -32.04
CA LEU B 207 0.98 -15.78 -33.35
C LEU B 207 2.14 -16.02 -34.30
N SER B 208 3.36 -15.99 -33.75
CA SER B 208 4.59 -16.01 -34.55
C SER B 208 4.69 -17.17 -35.55
N SER B 209 4.03 -18.28 -35.26
CA SER B 209 4.04 -19.46 -36.13
C SER B 209 2.93 -19.46 -37.20
N LEU B 210 2.17 -18.37 -37.29
CA LEU B 210 1.20 -18.20 -38.36
C LEU B 210 1.64 -17.09 -39.31
N SER B 211 1.07 -17.10 -40.51
CA SER B 211 1.35 -16.09 -41.53
C SER B 211 0.25 -15.03 -41.56
N ALA B 212 0.64 -13.82 -41.98
CA ALA B 212 -0.28 -12.70 -42.13
C ALA B 212 -1.54 -13.05 -42.93
N GLU B 213 -1.38 -13.96 -43.90
CA GLU B 213 -2.47 -14.37 -44.79
C GLU B 213 -3.53 -15.14 -44.02
N ASP B 214 -3.11 -16.13 -43.26
CA ASP B 214 -4.02 -16.98 -42.49
C ASP B 214 -4.76 -16.18 -41.44
N ILE B 215 -4.03 -15.30 -40.73
CA ILE B 215 -4.64 -14.42 -39.75
C ILE B 215 -5.75 -13.58 -40.40
N ASP B 216 -5.43 -12.93 -41.52
CA ASP B 216 -6.40 -12.18 -42.30
C ASP B 216 -7.65 -13.01 -42.62
N VAL B 217 -7.43 -14.24 -43.07
CA VAL B 217 -8.50 -15.18 -43.42
C VAL B 217 -9.30 -15.61 -42.18
N LEU B 218 -8.59 -15.82 -41.07
CA LEU B 218 -9.22 -16.18 -39.80
C LEU B 218 -9.99 -15.01 -39.16
N PHE B 219 -9.71 -13.79 -39.65
CA PHE B 219 -10.45 -12.60 -39.25
C PHE B 219 -11.76 -12.37 -40.01
N GLU B 220 -12.10 -13.28 -40.93
CA GLU B 220 -13.26 -13.08 -41.78
C GLU B 220 -14.42 -14.01 -41.45
N PRO B 221 -15.67 -13.54 -41.67
CA PRO B 221 -16.87 -14.31 -41.32
C PRO B 221 -17.05 -15.57 -42.19
N ARG B 222 -16.08 -16.48 -42.09
CA ARG B 222 -15.98 -17.60 -43.01
C ARG B 222 -16.05 -18.95 -42.31
N TYR B 223 -16.59 -18.97 -41.09
CA TYR B 223 -16.56 -20.16 -40.26
C TYR B 223 -17.88 -20.40 -39.54
N HIS B 224 -18.22 -21.67 -39.35
CA HIS B 224 -19.39 -22.03 -38.57
C HIS B 224 -19.00 -22.72 -37.30
N ILE B 225 -19.56 -22.24 -36.20
CA ILE B 225 -19.42 -22.91 -34.90
C ILE B 225 -20.82 -23.31 -34.43
N ALA B 226 -20.98 -24.59 -34.10
CA ALA B 226 -22.28 -25.15 -33.74
C ALA B 226 -22.52 -25.22 -32.23
N PRO B 227 -23.76 -24.94 -31.78
CA PRO B 227 -24.21 -25.06 -30.38
C PRO B 227 -24.00 -26.43 -29.75
N ASP B 228 -23.94 -26.45 -28.42
CA ASP B 228 -23.63 -27.64 -27.61
C ASP B 228 -22.42 -28.42 -28.12
N GLU B 256 -29.90 -14.13 -37.12
CA GLU B 256 -29.18 -13.88 -38.38
C GLU B 256 -27.67 -14.10 -38.25
N ARG B 257 -26.98 -14.04 -39.39
CA ARG B 257 -25.54 -14.30 -39.50
C ARG B 257 -25.13 -15.74 -39.13
N PRO B 258 -24.95 -16.60 -40.15
CA PRO B 258 -24.64 -18.02 -39.96
C PRO B 258 -23.14 -18.32 -39.86
N LEU B 259 -22.31 -17.43 -40.41
CA LEU B 259 -20.87 -17.60 -40.40
C LEU B 259 -20.22 -16.45 -39.64
N GLY B 260 -19.06 -16.72 -39.05
CA GLY B 260 -18.32 -15.72 -38.29
C GLY B 260 -16.81 -15.96 -38.31
N PRO B 261 -16.04 -15.03 -37.70
CA PRO B 261 -14.59 -15.18 -37.66
C PRO B 261 -14.12 -16.01 -36.47
N LEU B 262 -12.89 -16.49 -36.54
CA LEU B 262 -12.29 -17.23 -35.44
C LEU B 262 -11.36 -16.32 -34.66
N LEU B 263 -10.87 -15.28 -35.34
CA LEU B 263 -10.07 -14.25 -34.68
C LEU B 263 -10.76 -12.90 -34.77
N TYR B 264 -10.54 -12.08 -33.75
CA TYR B 264 -11.11 -10.74 -33.66
C TYR B 264 -10.23 -9.89 -32.76
N GLY B 265 -10.68 -8.69 -32.42
CA GLY B 265 -9.84 -7.75 -31.68
C GLY B 265 -8.72 -7.22 -32.54
N SER B 266 -7.56 -7.02 -31.93
CA SER B 266 -6.39 -6.49 -32.61
C SER B 266 -5.74 -7.52 -33.52
N ARG B 267 -5.42 -7.11 -34.74
CA ARG B 267 -4.79 -8.01 -35.71
C ARG B 267 -3.36 -8.37 -35.30
N LEU B 268 -2.84 -7.69 -34.29
CA LEU B 268 -1.46 -7.87 -33.83
C LEU B 268 -1.35 -8.74 -32.55
N ASP B 269 -2.47 -8.92 -31.86
CA ASP B 269 -2.54 -9.72 -30.63
C ASP B 269 -3.98 -10.19 -30.43
N PRO B 270 -4.48 -11.02 -31.36
CA PRO B 270 -5.91 -11.28 -31.53
C PRO B 270 -6.55 -12.10 -30.43
N TYR B 271 -7.87 -12.00 -30.35
CA TYR B 271 -8.67 -12.83 -29.47
C TYR B 271 -9.17 -14.03 -30.27
N MET B 272 -9.47 -15.14 -29.60
N MET B 272 -9.49 -15.11 -29.56
CA MET B 272 -9.95 -16.31 -30.32
CA MET B 272 -9.94 -16.37 -30.15
C MET B 272 -11.23 -16.90 -29.76
C MET B 272 -11.38 -16.70 -29.81
N ARG B 273 -12.01 -17.51 -30.66
CA ARG B 273 -13.16 -18.30 -30.28
C ARG B 273 -13.03 -19.60 -31.07
N LEU B 274 -12.58 -20.64 -30.38
CA LEU B 274 -12.18 -21.88 -31.05
C LEU B 274 -12.77 -23.11 -30.36
N ASP B 275 -13.54 -23.88 -31.12
CA ASP B 275 -14.11 -25.13 -30.64
C ASP B 275 -14.01 -26.20 -31.73
N PRO B 276 -12.82 -26.84 -31.84
CA PRO B 276 -12.49 -27.78 -32.93
C PRO B 276 -13.60 -28.74 -33.31
N TYR B 277 -14.09 -29.51 -32.34
CA TYR B 277 -15.13 -30.50 -32.60
C TYR B 277 -16.36 -29.89 -33.28
N PHE B 278 -16.67 -28.64 -32.95
CA PHE B 278 -17.88 -27.97 -33.44
C PHE B 278 -17.60 -26.85 -34.45
N THR B 279 -16.40 -26.86 -35.00
CA THR B 279 -16.02 -25.88 -36.02
C THR B 279 -15.93 -26.52 -37.40
N SER B 280 -16.82 -26.10 -38.29
CA SER B 280 -16.76 -26.48 -39.70
C SER B 280 -16.69 -25.26 -40.62
N VAL B 281 -16.22 -25.49 -41.83
CA VAL B 281 -16.10 -24.45 -42.84
C VAL B 281 -16.60 -24.97 -44.19
N PRO B 282 -17.51 -24.22 -44.86
CA PRO B 282 -18.00 -24.56 -46.20
C PRO B 282 -16.93 -25.17 -47.11
N GLN B 283 -17.27 -26.29 -47.74
CA GLN B 283 -16.34 -27.15 -48.47
C GLN B 283 -15.56 -26.46 -49.60
N ASP B 284 -16.21 -25.52 -50.30
CA ASP B 284 -15.60 -24.83 -51.44
C ASP B 284 -14.53 -23.82 -51.01
N ASP B 285 -14.57 -23.39 -49.76
CA ASP B 285 -13.64 -22.39 -49.23
C ASP B 285 -12.36 -23.03 -48.67
N THR B 286 -11.42 -23.34 -49.56
CA THR B 286 -10.20 -24.07 -49.19
C THR B 286 -9.22 -23.27 -48.33
N ASP B 287 -9.15 -21.95 -48.56
CA ASP B 287 -8.26 -21.07 -47.80
C ASP B 287 -8.65 -21.04 -46.32
N ALA B 288 -9.96 -20.96 -46.05
CA ALA B 288 -10.49 -20.93 -44.70
C ALA B 288 -10.29 -22.26 -43.97
N ARG B 289 -10.41 -23.36 -44.71
CA ARG B 289 -10.12 -24.70 -44.18
C ARG B 289 -8.65 -24.79 -43.75
N ARG B 290 -7.76 -24.23 -44.57
CA ARG B 290 -6.32 -24.33 -44.34
C ARG B 290 -5.86 -23.46 -43.16
N ALA B 291 -6.38 -22.25 -43.07
CA ALA B 291 -6.06 -21.35 -41.96
C ALA B 291 -6.56 -21.88 -40.62
N TYR B 292 -7.75 -22.48 -40.64
CA TYR B 292 -8.31 -23.11 -39.45
C TYR B 292 -7.46 -24.29 -38.96
N ASP B 293 -7.08 -25.18 -39.87
CA ASP B 293 -6.17 -26.29 -39.54
C ASP B 293 -4.84 -25.80 -38.99
N ALA B 294 -4.32 -24.72 -39.57
CA ALA B 294 -3.05 -24.16 -39.09
C ALA B 294 -3.19 -23.56 -37.70
N LEU B 295 -4.32 -22.90 -37.44
CA LEU B 295 -4.61 -22.32 -36.13
C LEU B 295 -4.77 -23.41 -35.09
N PHE B 296 -5.56 -24.44 -35.43
CA PHE B 296 -5.80 -25.58 -34.54
C PHE B 296 -4.49 -26.24 -34.11
N LYS B 297 -3.57 -26.40 -35.07
CA LYS B 297 -2.30 -27.04 -34.83
C LYS B 297 -1.41 -26.22 -33.89
N VAL B 298 -1.41 -24.90 -34.08
CA VAL B 298 -0.60 -24.00 -33.25
C VAL B 298 -1.09 -23.97 -31.80
N VAL B 299 -2.41 -23.95 -31.62
CA VAL B 299 -3.04 -23.93 -30.30
C VAL B 299 -2.87 -25.27 -29.58
N ASP B 300 -3.05 -26.35 -30.33
CA ASP B 300 -2.92 -27.70 -29.80
C ASP B 300 -1.48 -27.99 -29.40
N SER B 301 -0.53 -27.51 -30.19
CA SER B 301 0.88 -27.65 -29.86
C SER B 301 1.30 -26.82 -28.65
N GLY B 302 0.55 -25.75 -28.38
CA GLY B 302 0.86 -24.83 -27.29
C GLY B 302 0.24 -25.16 -25.95
N MET B 303 -0.67 -26.13 -25.91
CA MET B 303 -1.43 -26.45 -24.69
C MET B 303 -0.50 -26.70 -23.50
N ARG B 304 -0.81 -26.04 -22.38
CA ARG B 304 -0.11 -26.28 -21.11
C ARG B 304 -1.04 -26.97 -20.12
N GLU B 305 -0.45 -27.58 -19.09
CA GLU B 305 -1.22 -28.14 -17.99
C GLU B 305 -1.05 -27.26 -16.76
N VAL B 306 -2.17 -26.82 -16.19
CA VAL B 306 -2.15 -25.98 -15.00
C VAL B 306 -2.93 -26.70 -13.91
N VAL B 307 -2.30 -26.88 -12.75
CA VAL B 307 -2.92 -27.60 -11.65
C VAL B 307 -3.55 -26.61 -10.68
N ALA B 308 -4.86 -26.73 -10.48
CA ALA B 308 -5.52 -26.00 -9.42
C ALA B 308 -5.60 -26.92 -8.21
N ASP B 309 -4.69 -26.70 -7.28
CA ASP B 309 -4.68 -27.46 -6.03
C ASP B 309 -5.70 -26.89 -5.06
N GLN B 310 -5.90 -27.61 -3.96
CA GLN B 310 -6.77 -27.16 -2.89
C GLN B 310 -6.36 -25.76 -2.52
N GLY B 311 -7.33 -24.85 -2.44
CA GLY B 311 -7.04 -23.47 -2.05
C GLY B 311 -6.63 -22.56 -3.20
N ASP B 312 -6.58 -23.11 -4.40
CA ASP B 312 -6.25 -22.33 -5.57
C ASP B 312 -7.54 -21.91 -6.29
N VAL B 313 -7.49 -20.72 -6.87
CA VAL B 313 -8.55 -20.24 -7.74
C VAL B 313 -7.92 -19.89 -9.07
N LEU B 314 -8.27 -20.68 -10.09
CA LEU B 314 -7.79 -20.47 -11.45
C LEU B 314 -8.72 -19.54 -12.24
N PHE B 315 -8.13 -18.53 -12.87
CA PHE B 315 -8.85 -17.57 -13.70
C PHE B 315 -8.48 -17.79 -15.15
N ILE B 316 -9.49 -18.03 -16.00
CA ILE B 316 -9.23 -18.23 -17.42
C ILE B 316 -9.87 -17.12 -18.24
N ASP B 317 -9.05 -16.50 -19.09
CA ASP B 317 -9.53 -15.45 -20.00
C ASP B 317 -10.07 -16.14 -21.23
N ASN B 318 -11.40 -16.12 -21.36
CA ASN B 318 -12.10 -16.88 -22.40
C ASN B 318 -11.86 -16.34 -23.81
N HIS B 319 -11.28 -15.14 -23.91
CA HIS B 319 -10.91 -14.56 -25.20
C HIS B 319 -9.47 -14.80 -25.57
N ARG B 320 -8.65 -15.17 -24.59
CA ARG B 320 -7.23 -15.40 -24.84
C ARG B 320 -6.77 -16.84 -24.64
N ALA B 321 -7.68 -17.69 -24.14
CA ALA B 321 -7.29 -19.07 -23.88
C ALA B 321 -8.39 -20.10 -24.06
N VAL B 322 -8.02 -21.23 -24.65
CA VAL B 322 -8.85 -22.43 -24.63
C VAL B 322 -8.56 -23.16 -23.33
N HIS B 323 -9.50 -24.00 -22.90
CA HIS B 323 -9.34 -24.78 -21.69
C HIS B 323 -9.89 -26.15 -21.94
N GLY B 324 -9.43 -27.13 -21.16
CA GLY B 324 -10.02 -28.47 -21.20
C GLY B 324 -9.81 -29.26 -19.92
N ARG B 325 -10.60 -30.30 -19.73
CA ARG B 325 -10.37 -31.22 -18.62
C ARG B 325 -9.60 -32.44 -19.12
N LEU B 326 -8.73 -32.95 -18.26
CA LEU B 326 -8.06 -34.20 -18.53
C LEU B 326 -8.75 -35.31 -17.74
N PRO B 327 -8.90 -36.51 -18.35
CA PRO B 327 -9.49 -37.64 -17.63
C PRO B 327 -8.65 -38.04 -16.42
N PHE B 328 -9.33 -38.50 -15.38
CA PHE B 328 -8.68 -39.05 -14.20
C PHE B 328 -9.54 -40.16 -13.61
N GLN B 329 -8.97 -40.96 -12.71
CA GLN B 329 -9.71 -42.03 -12.04
C GLN B 329 -10.31 -41.56 -10.71
N ALA B 330 -11.63 -41.55 -10.61
CA ALA B 330 -12.31 -41.18 -9.38
C ALA B 330 -12.40 -42.35 -8.39
N ARG B 331 -12.45 -42.03 -7.10
CA ARG B 331 -12.71 -43.04 -6.07
C ARG B 331 -14.19 -43.17 -5.74
N TYR B 332 -14.96 -42.11 -6.00
CA TYR B 332 -16.38 -42.02 -5.65
C TYR B 332 -16.65 -42.30 -4.17
N ASP B 333 -15.79 -41.79 -3.30
CA ASP B 333 -15.96 -41.98 -1.86
C ASP B 333 -16.05 -40.68 -1.04
N GLY B 334 -16.13 -39.53 -1.71
CA GLY B 334 -16.18 -38.23 -1.04
C GLY B 334 -14.83 -37.56 -0.88
N THR B 335 -13.80 -38.15 -1.51
CA THR B 335 -12.43 -37.65 -1.45
C THR B 335 -12.01 -37.05 -2.79
N ASP B 336 -12.92 -37.11 -3.75
CA ASP B 336 -12.56 -36.77 -5.12
C ASP B 336 -12.40 -35.28 -5.34
N ARG B 337 -11.67 -34.94 -6.40
CA ARG B 337 -11.51 -33.56 -6.85
C ARG B 337 -12.86 -32.86 -6.86
N TRP B 338 -12.88 -31.62 -6.39
CA TRP B 338 -14.09 -30.82 -6.33
C TRP B 338 -13.78 -29.40 -6.66
N LEU B 339 -14.27 -28.93 -7.82
CA LEU B 339 -14.09 -27.53 -8.20
C LEU B 339 -15.42 -26.80 -8.28
N LYS B 340 -15.40 -25.50 -8.03
CA LYS B 340 -16.56 -24.67 -8.27
C LYS B 340 -16.31 -23.79 -9.48
N ARG B 341 -17.35 -23.51 -10.25
CA ARG B 341 -17.20 -22.66 -11.41
C ARG B 341 -18.17 -21.48 -11.44
N VAL B 342 -17.62 -20.31 -11.74
CA VAL B 342 -18.43 -19.13 -12.01
C VAL B 342 -18.03 -18.55 -13.38
N CYS B 343 -19.03 -18.33 -14.21
CA CYS B 343 -18.86 -17.65 -15.50
C CYS B 343 -18.96 -16.14 -15.31
N VAL B 344 -18.10 -15.40 -16.00
CA VAL B 344 -18.01 -13.95 -15.84
C VAL B 344 -18.27 -13.23 -17.16
N THR B 345 -19.10 -12.20 -17.11
CA THR B 345 -19.34 -11.32 -18.24
C THR B 345 -18.92 -9.91 -17.88
N SER B 346 -18.25 -9.23 -18.81
CA SER B 346 -17.87 -7.83 -18.63
C SER B 346 -19.07 -6.92 -18.78
N ASP B 347 -20.09 -7.38 -19.51
CA ASP B 347 -21.28 -6.58 -19.76
C ASP B 347 -22.57 -7.39 -19.74
N LEU B 348 -23.28 -7.32 -18.63
CA LEU B 348 -24.55 -8.02 -18.45
C LEU B 348 -25.65 -7.54 -19.41
N ARG B 349 -25.64 -6.25 -19.72
CA ARG B 349 -26.66 -5.67 -20.58
C ARG B 349 -26.57 -6.16 -22.01
N ARG B 350 -25.39 -6.61 -22.42
CA ARG B 350 -25.19 -7.08 -23.79
C ARG B 350 -26.07 -8.30 -24.09
N SER B 351 -26.26 -9.15 -23.09
CA SER B 351 -27.09 -10.34 -23.27
C SER B 351 -28.57 -10.14 -22.96
N ARG B 352 -29.01 -8.87 -22.90
CA ARG B 352 -30.35 -8.52 -22.41
C ARG B 352 -31.51 -9.24 -23.12
N GLU B 353 -31.38 -9.46 -24.42
CA GLU B 353 -32.44 -10.10 -25.21
C GLU B 353 -32.74 -11.55 -24.78
N MET B 354 -31.76 -12.20 -24.17
CA MET B 354 -31.91 -13.59 -23.71
C MET B 354 -32.12 -13.75 -22.21
N ARG B 355 -32.49 -12.66 -21.53
CA ARG B 355 -32.71 -12.73 -20.09
C ARG B 355 -34.16 -12.34 -19.77
N ALA B 356 -34.89 -13.29 -19.17
CA ALA B 356 -36.32 -13.14 -18.86
C ALA B 356 -36.70 -11.79 -18.24
N THR B 357 -35.82 -11.27 -17.37
CA THR B 357 -36.00 -9.96 -16.78
C THR B 357 -34.67 -9.19 -16.82
N SER B 358 -34.73 -7.93 -16.40
CA SER B 358 -33.56 -7.08 -16.29
C SER B 358 -32.65 -7.51 -15.13
N ALA B 359 -33.25 -8.15 -14.13
CA ALA B 359 -32.57 -8.52 -12.89
C ALA B 359 -31.93 -9.91 -12.91
N THR B 360 -32.42 -10.79 -13.77
CA THR B 360 -31.96 -12.17 -13.79
C THR B 360 -30.59 -12.28 -14.44
N ARG B 361 -29.74 -13.16 -13.91
CA ARG B 361 -28.39 -13.35 -14.44
C ARG B 361 -28.25 -14.66 -15.20
N LEU B 362 -29.39 -15.25 -15.54
CA LEU B 362 -29.45 -16.46 -16.34
C LEU B 362 -29.88 -16.18 -17.76
N LEU B 363 -29.25 -16.84 -18.71
CA LEU B 363 -29.61 -16.70 -20.11
C LEU B 363 -30.45 -17.91 -20.56
N GLY B 364 -31.57 -17.63 -21.22
CA GLY B 364 -32.49 -18.66 -21.70
C GLY B 364 -33.90 -18.44 -21.20
N SER C 28 23.16 -20.42 30.09
CA SER C 28 21.97 -20.94 29.35
C SER C 28 21.02 -19.81 28.94
N THR C 29 20.06 -19.50 29.82
CA THR C 29 19.08 -18.44 29.57
C THR C 29 19.01 -17.46 30.76
N PRO C 30 19.44 -16.19 30.56
CA PRO C 30 19.66 -15.27 31.66
C PRO C 30 18.40 -14.66 32.28
N SER C 31 18.40 -14.57 33.60
CA SER C 31 17.35 -13.87 34.35
C SER C 31 17.93 -13.19 35.58
N TYR C 32 17.24 -12.15 36.05
CA TYR C 32 17.62 -11.41 37.24
C TYR C 32 16.46 -11.50 38.22
N SER C 33 16.75 -11.95 39.44
CA SER C 33 15.73 -12.04 40.47
C SER C 33 15.96 -10.98 41.53
N LEU C 34 14.92 -10.18 41.79
CA LEU C 34 15.00 -9.10 42.75
C LEU C 34 15.06 -9.62 44.19
N THR C 35 15.86 -8.93 45.01
CA THR C 35 15.84 -9.10 46.45
C THR C 35 14.62 -8.34 46.96
N PRO C 36 14.12 -8.71 48.16
CA PRO C 36 13.03 -7.92 48.76
C PRO C 36 13.34 -6.42 48.81
N ALA C 37 14.60 -6.06 49.10
CA ALA C 37 15.01 -4.66 49.15
C ALA C 37 14.86 -3.99 47.79
N GLU C 38 15.42 -4.62 46.74
CA GLU C 38 15.30 -4.09 45.38
C GLU C 38 13.85 -3.99 44.98
N ALA C 39 13.07 -5.01 45.33
CA ALA C 39 11.64 -5.03 45.04
C ALA C 39 10.95 -3.81 45.62
N SER C 40 11.18 -3.55 46.91
CA SER C 40 10.53 -2.44 47.58
C SER C 40 11.01 -1.07 47.12
N ALA C 41 12.29 -0.97 46.76
CA ALA C 41 12.84 0.29 46.22
C ALA C 41 12.14 0.66 44.91
N VAL C 42 11.91 -0.35 44.07
CA VAL C 42 11.21 -0.19 42.80
C VAL C 42 9.75 0.20 43.04
N ALA C 43 9.09 -0.51 43.95
CA ALA C 43 7.72 -0.21 44.37
C ALA C 43 7.61 1.17 45.00
N GLU C 44 8.63 1.53 45.79
CA GLU C 44 8.71 2.86 46.39
C GLU C 44 8.79 3.93 45.29
N LEU C 45 9.89 3.90 44.53
CA LEU C 45 10.13 4.82 43.42
C LEU C 45 8.92 4.92 42.50
N THR C 46 8.31 3.78 42.21
CA THR C 46 7.20 3.70 41.28
C THR C 46 5.96 4.44 41.81
N LEU C 47 5.76 4.39 43.13
CA LEU C 47 4.64 5.10 43.76
C LEU C 47 4.91 6.60 43.83
N GLU C 48 6.14 6.95 44.18
CA GLU C 48 6.59 8.34 44.20
C GLU C 48 6.40 9.01 42.84
N LEU C 49 6.93 8.37 41.80
CA LEU C 49 6.87 8.88 40.43
C LEU C 49 5.44 9.03 39.91
N ALA C 50 4.56 8.14 40.34
CA ALA C 50 3.14 8.22 40.00
C ALA C 50 2.48 9.46 40.61
N ALA C 51 2.96 9.85 41.79
CA ALA C 51 2.43 11.01 42.51
C ALA C 51 2.88 12.33 41.88
N ALA C 52 4.04 12.33 41.26
CA ALA C 52 4.65 13.54 40.68
C ALA C 52 4.24 13.80 39.23
N TYR C 53 3.62 12.81 38.60
CA TYR C 53 3.27 12.92 37.18
C TYR C 53 1.81 12.55 36.91
N GLY C 54 1.25 13.13 35.86
CA GLY C 54 -0.15 12.93 35.49
C GLY C 54 -0.42 11.53 34.96
N SER C 55 -0.22 11.37 33.66
CA SER C 55 -0.37 10.07 33.01
C SER C 55 0.82 9.80 32.09
N PHE C 56 0.94 8.55 31.63
CA PHE C 56 2.03 8.12 30.75
C PHE C 56 2.04 8.82 29.39
N GLY C 57 1.31 9.94 29.29
CA GLY C 57 1.34 10.81 28.11
C GLY C 57 1.82 12.21 28.44
N ASP C 58 2.35 12.37 29.66
CA ASP C 58 2.85 13.64 30.18
C ASP C 58 4.21 13.98 29.54
N PRO C 59 4.27 15.06 28.74
CA PRO C 59 5.48 15.45 28.02
C PRO C 59 6.75 15.48 28.88
N VAL C 60 6.66 16.05 30.08
CA VAL C 60 7.80 16.16 30.99
C VAL C 60 8.16 14.81 31.65
N LEU C 61 7.20 13.91 31.73
CA LEU C 61 7.46 12.54 32.21
C LEU C 61 8.29 11.78 31.19
N LEU C 62 7.95 11.97 29.92
CA LEU C 62 8.59 11.30 28.80
C LEU C 62 10.01 11.82 28.59
N ARG C 63 10.23 13.06 29.00
CA ARG C 63 11.56 13.66 28.95
C ARG C 63 12.42 13.11 30.09
N ASP C 64 11.84 13.08 31.29
CA ASP C 64 12.55 12.69 32.51
C ASP C 64 12.80 11.19 32.63
N LEU C 65 12.09 10.41 31.83
CA LEU C 65 12.13 8.95 31.87
C LEU C 65 13.54 8.33 32.03
N PRO C 66 14.51 8.67 31.15
CA PRO C 66 15.85 8.10 31.32
C PRO C 66 16.50 8.43 32.66
N ARG C 67 16.36 9.67 33.11
CA ARG C 67 16.95 10.13 34.37
C ARG C 67 16.25 9.46 35.57
N LEU C 68 14.94 9.31 35.47
CA LEU C 68 14.12 8.61 36.44
C LEU C 68 14.55 7.14 36.55
N ALA C 69 14.80 6.52 35.40
CA ALA C 69 15.23 5.12 35.33
C ALA C 69 16.59 4.91 35.98
N ALA C 70 17.42 5.95 35.97
CA ALA C 70 18.73 5.90 36.62
C ALA C 70 18.63 5.83 38.15
N ARG C 71 17.41 5.95 38.67
CA ARG C 71 17.13 5.84 40.10
C ARG C 71 16.70 4.44 40.51
N LEU C 72 16.53 3.56 39.53
CA LEU C 72 16.28 2.13 39.77
C LEU C 72 17.52 1.46 40.38
N PRO C 73 17.34 0.34 41.09
CA PRO C 73 18.50 -0.37 41.65
C PRO C 73 19.64 -0.57 40.64
N GLU C 74 20.87 -0.38 41.11
CA GLU C 74 22.06 -0.43 40.27
C GLU C 74 22.26 -1.76 39.54
N GLY C 75 21.94 -2.87 40.22
CA GLY C 75 22.03 -4.19 39.61
C GLY C 75 21.08 -4.35 38.44
N VAL C 76 19.89 -3.77 38.58
CA VAL C 76 18.85 -3.83 37.55
C VAL C 76 19.28 -3.05 36.29
N GLN C 77 19.78 -1.83 36.48
CA GLN C 77 20.31 -1.02 35.39
C GLN C 77 21.47 -1.75 34.69
N ASP C 78 22.40 -2.27 35.48
CA ASP C 78 23.52 -3.05 34.94
C ASP C 78 23.06 -4.28 34.17
N PHE C 79 22.04 -4.95 34.69
CA PHE C 79 21.49 -6.13 34.04
C PHE C 79 20.94 -5.83 32.63
N LEU C 80 20.04 -4.85 32.55
CA LEU C 80 19.40 -4.51 31.29
C LEU C 80 20.37 -3.91 30.27
N ARG C 81 21.36 -3.18 30.75
CA ARG C 81 22.38 -2.58 29.91
C ARG C 81 23.27 -3.66 29.30
N GLU C 82 23.64 -4.64 30.12
CA GLU C 82 24.43 -5.79 29.67
C GLU C 82 23.67 -6.64 28.64
N PHE C 83 22.37 -6.80 28.86
CA PHE C 83 21.51 -7.55 27.97
C PHE C 83 21.42 -6.87 26.60
N LYS C 84 21.33 -5.54 26.61
CA LYS C 84 21.24 -4.74 25.40
C LYS C 84 22.56 -4.70 24.63
N LEU C 85 23.66 -4.40 25.33
CA LEU C 85 24.97 -4.34 24.69
C LEU C 85 25.49 -5.70 24.25
N ALA C 86 25.18 -6.76 25.00
CA ALA C 86 25.60 -8.11 24.63
C ALA C 86 25.05 -8.48 23.26
N ASP C 87 23.79 -8.11 23.02
CA ASP C 87 23.10 -8.41 21.75
C ASP C 87 23.28 -9.90 21.41
N ARG C 88 22.91 -10.74 22.37
CA ARG C 88 23.20 -12.17 22.32
C ARG C 88 21.98 -13.01 22.64
N HIS C 89 21.11 -12.50 23.51
CA HIS C 89 19.96 -13.26 23.98
C HIS C 89 18.67 -12.68 23.49
N GLY C 90 17.77 -13.56 23.06
CA GLY C 90 16.49 -13.16 22.50
C GLY C 90 15.47 -12.69 23.53
N HIS C 91 15.65 -13.15 24.77
CA HIS C 91 14.76 -12.72 25.84
C HIS C 91 15.45 -12.73 27.16
N THR C 92 14.93 -11.93 28.09
CA THR C 92 15.34 -11.99 29.49
C THR C 92 14.19 -11.63 30.44
N VAL C 93 14.28 -12.09 31.68
CA VAL C 93 13.21 -11.83 32.66
C VAL C 93 13.79 -11.22 33.92
N ILE C 94 13.13 -10.17 34.42
CA ILE C 94 13.41 -9.69 35.76
C ILE C 94 12.27 -10.12 36.69
N ARG C 95 12.57 -11.05 37.59
CA ARG C 95 11.59 -11.66 38.49
C ARG C 95 11.56 -11.03 39.88
N GLY C 96 10.45 -11.22 40.58
CA GLY C 96 10.32 -10.82 41.97
C GLY C 96 9.95 -9.38 42.23
N HIS C 97 9.17 -8.79 41.34
CA HIS C 97 8.63 -7.45 41.60
C HIS C 97 7.52 -7.54 42.58
N ASP C 98 7.32 -6.47 43.35
CA ASP C 98 6.24 -6.37 44.31
C ASP C 98 5.08 -5.60 43.65
N PHE C 99 4.12 -6.37 43.11
CA PHE C 99 2.94 -5.77 42.49
C PHE C 99 1.76 -5.87 43.46
N ASP C 100 1.57 -4.80 44.23
CA ASP C 100 0.55 -4.73 45.28
C ASP C 100 -0.85 -5.09 44.72
N GLN C 101 -1.25 -6.33 44.98
CA GLN C 101 -2.51 -6.88 44.46
C GLN C 101 -3.76 -6.13 44.92
N ARG C 102 -3.73 -5.61 46.15
CA ARG C 102 -4.86 -4.83 46.69
C ARG C 102 -5.06 -3.52 45.94
N ARG C 103 -3.96 -2.80 45.73
CA ARG C 103 -3.99 -1.52 45.01
C ARG C 103 -4.41 -1.69 43.55
N ILE C 104 -3.80 -2.65 42.85
CA ILE C 104 -4.05 -2.88 41.43
C ILE C 104 -5.53 -3.15 41.15
N GLY C 105 -6.12 -4.05 41.93
CA GLY C 105 -7.54 -4.36 41.79
C GLY C 105 -7.80 -5.44 40.75
N PRO C 106 -9.08 -5.61 40.36
CA PRO C 106 -9.50 -6.71 39.50
C PRO C 106 -9.15 -6.51 38.03
N THR C 107 -8.94 -7.62 37.32
CA THR C 107 -8.65 -7.61 35.90
C THR C 107 -9.86 -7.11 35.10
N PRO C 108 -9.73 -5.93 34.47
CA PRO C 108 -10.84 -5.24 33.80
C PRO C 108 -11.48 -6.07 32.68
N ASP C 109 -12.79 -5.91 32.50
CA ASP C 109 -13.55 -6.70 31.54
C ASP C 109 -13.29 -6.28 30.09
N HIS C 110 -12.84 -5.03 29.91
CA HIS C 110 -12.49 -4.49 28.59
C HIS C 110 -11.72 -3.21 28.74
N TRP C 111 -10.88 -2.90 27.76
CA TRP C 111 -10.31 -1.56 27.64
C TRP C 111 -11.30 -0.70 26.87
N ARG C 112 -11.83 0.31 27.53
CA ARG C 112 -12.84 1.23 26.98
C ARG C 112 -13.26 2.22 28.07
N GLY C 113 -14.30 1.84 28.80
CA GLY C 113 -14.78 2.62 29.94
C GLY C 113 -13.87 2.44 31.14
N ARG C 114 -12.57 2.46 30.86
CA ARG C 114 -11.54 2.41 31.88
C ARG C 114 -10.93 3.78 32.05
N VAL C 115 -10.85 4.23 33.30
CA VAL C 115 -10.19 5.48 33.63
C VAL C 115 -8.67 5.25 33.56
N ARG C 116 -8.05 5.80 32.53
CA ARG C 116 -6.60 5.67 32.33
C ARG C 116 -5.93 7.00 32.69
N PRO C 117 -4.97 6.96 33.63
CA PRO C 117 -4.40 5.77 34.28
C PRO C 117 -5.20 5.26 35.47
N GLY C 118 -5.36 3.94 35.54
CA GLY C 118 -6.02 3.29 36.67
C GLY C 118 -5.14 3.22 37.90
N PRO C 119 -5.55 2.44 38.90
CA PRO C 119 -4.76 2.23 40.12
C PRO C 119 -3.41 1.53 39.87
N GLU C 120 -3.36 0.67 38.87
CA GLU C 120 -2.14 -0.07 38.53
C GLU C 120 -1.11 0.78 37.75
N PHE C 121 -1.33 2.09 37.75
CA PHE C 121 -0.46 3.04 37.05
C PHE C 121 1.04 2.94 37.38
N PRO C 122 1.39 2.68 38.66
CA PRO C 122 2.82 2.58 39.00
C PRO C 122 3.52 1.48 38.23
N GLU C 123 2.83 0.36 38.04
CA GLU C 123 3.35 -0.75 37.27
C GLU C 123 3.59 -0.36 35.83
N GLU C 124 2.65 0.41 35.27
CA GLU C 124 2.77 0.90 33.92
C GLU C 124 4.03 1.73 33.81
N LEU C 125 4.19 2.64 34.78
CA LEU C 125 5.33 3.53 34.86
C LEU C 125 6.65 2.76 35.00
N LEU C 126 6.65 1.69 35.81
CA LEU C 126 7.81 0.79 35.94
C LEU C 126 8.26 0.35 34.56
N LEU C 127 7.30 -0.09 33.76
CA LEU C 127 7.54 -0.57 32.42
C LEU C 127 8.12 0.52 31.53
N MET C 128 7.64 1.75 31.72
CA MET C 128 8.14 2.93 31.01
C MET C 128 9.59 3.19 31.40
N LEU C 129 9.89 3.07 32.69
CA LEU C 129 11.25 3.24 33.17
C LEU C 129 12.17 2.25 32.46
N TYR C 130 11.72 1.00 32.37
CA TYR C 130 12.47 -0.06 31.71
C TYR C 130 12.67 0.21 30.23
N SER C 131 11.66 0.80 29.59
CA SER C 131 11.73 1.06 28.16
C SER C 131 12.73 2.18 27.89
N ALA C 132 12.94 3.04 28.88
CA ALA C 132 13.90 4.13 28.77
C ALA C 132 15.35 3.65 28.89
N LEU C 133 15.56 2.54 29.61
CA LEU C 133 16.88 1.95 29.76
C LEU C 133 17.36 1.27 28.47
N LEU C 134 16.40 0.87 27.63
CA LEU C 134 16.68 0.13 26.39
C LEU C 134 16.56 0.96 25.12
N GLY C 135 15.70 1.98 25.14
CA GLY C 135 15.48 2.88 23.99
C GLY C 135 14.42 3.92 24.31
N GLU C 136 13.34 3.95 23.52
CA GLU C 136 12.22 4.86 23.74
C GLU C 136 10.87 4.15 23.60
N PRO C 137 9.97 4.33 24.59
CA PRO C 137 8.63 3.76 24.45
C PRO C 137 7.86 4.42 23.30
N PHE C 138 7.11 3.62 22.55
CA PHE C 138 6.26 4.13 21.47
C PHE C 138 5.00 3.28 21.29
N GLY C 139 4.06 3.78 20.50
CA GLY C 139 2.80 3.08 20.26
C GLY C 139 2.15 3.35 18.92
N TRP C 140 1.13 2.54 18.61
CA TRP C 140 0.34 2.71 17.39
C TRP C 140 -0.95 3.40 17.73
N ALA C 141 -1.15 4.58 17.14
CA ALA C 141 -2.34 5.38 17.38
C ALA C 141 -3.64 4.58 17.25
N THR C 142 -3.70 3.73 16.24
CA THR C 142 -4.88 2.89 15.96
C THR C 142 -4.87 1.59 16.77
N GLN C 143 -4.11 1.56 17.85
CA GLN C 143 -4.10 0.43 18.76
C GLN C 143 -4.44 0.86 20.18
N GLN C 144 -5.60 0.39 20.66
CA GLN C 144 -6.09 0.66 22.02
C GLN C 144 -6.10 2.13 22.42
N ASP C 145 -6.70 2.96 21.56
CA ASP C 145 -6.82 4.41 21.79
C ASP C 145 -5.47 5.13 21.96
N GLY C 146 -4.41 4.50 21.47
CA GLY C 146 -3.07 5.07 21.53
C GLY C 146 -2.51 5.28 22.93
N HIS C 147 -2.85 4.38 23.84
CA HIS C 147 -2.21 4.35 25.15
C HIS C 147 -0.86 3.71 24.99
N LEU C 148 0.19 4.42 25.39
CA LEU C 148 1.57 3.91 25.30
C LEU C 148 1.73 2.52 25.88
N VAL C 149 1.06 2.27 27.00
CA VAL C 149 1.06 0.95 27.62
C VAL C 149 -0.20 0.21 27.20
N HIS C 150 -0.01 -0.95 26.57
CA HIS C 150 -1.13 -1.79 26.15
C HIS C 150 -1.61 -2.68 27.26
N ASP C 151 -2.85 -3.15 27.14
CA ASP C 151 -3.42 -4.12 28.07
C ASP C 151 -3.50 -5.49 27.42
N ILE C 152 -3.16 -6.53 28.19
CA ILE C 152 -3.32 -7.91 27.74
C ILE C 152 -4.09 -8.70 28.79
N PHE C 153 -5.39 -8.77 28.60
CA PHE C 153 -6.27 -9.62 29.41
C PHE C 153 -7.37 -10.21 28.54
N PRO C 154 -7.85 -11.42 28.90
CA PRO C 154 -8.93 -12.03 28.12
C PRO C 154 -10.18 -11.17 28.15
N ILE C 155 -10.66 -10.80 26.97
CA ILE C 155 -11.73 -9.82 26.82
C ILE C 155 -12.98 -10.41 26.19
N ARG C 156 -14.12 -9.79 26.53
CA ARG C 156 -15.41 -9.98 25.83
C ARG C 156 -15.74 -11.43 25.42
N MET C 165 -4.88 -11.29 23.26
CA MET C 165 -5.95 -11.07 24.23
C MET C 165 -7.11 -12.06 24.10
N GLY C 166 -6.92 -13.08 23.24
CA GLY C 166 -7.88 -14.17 23.12
C GLY C 166 -7.74 -15.12 24.30
N SER C 167 -8.06 -16.39 24.07
CA SER C 167 -7.94 -17.43 25.10
C SER C 167 -7.73 -18.80 24.49
N LYS C 168 -8.76 -19.30 23.81
CA LYS C 168 -8.80 -20.68 23.33
C LYS C 168 -7.90 -20.97 22.12
N GLN C 169 -7.41 -19.92 21.46
CA GLN C 169 -6.52 -20.09 20.31
C GLN C 169 -5.05 -19.88 20.66
N LEU C 170 -4.19 -20.70 20.04
CA LEU C 170 -2.75 -20.50 20.08
C LEU C 170 -2.41 -19.21 19.37
N LEU C 171 -1.74 -18.30 20.07
CA LEU C 171 -1.13 -17.17 19.41
C LEU C 171 0.14 -17.70 18.76
N THR C 172 0.04 -17.97 17.46
CA THR C 172 1.19 -18.46 16.69
C THR C 172 2.32 -17.46 16.81
N TRP C 173 3.51 -17.96 17.08
CA TRP C 173 4.69 -17.12 17.29
C TRP C 173 5.04 -16.29 16.10
N HIS C 174 5.71 -15.17 16.36
CA HIS C 174 6.07 -14.20 15.32
C HIS C 174 6.95 -13.12 15.86
N THR C 175 7.76 -12.55 14.96
CA THR C 175 8.40 -11.26 15.17
C THR C 175 7.31 -10.18 15.08
N GLU C 176 7.33 -9.23 16.03
CA GLU C 176 6.34 -8.16 16.07
C GLU C 176 6.48 -7.19 14.89
N ASP C 177 5.40 -7.04 14.14
CA ASP C 177 5.31 -6.08 13.01
C ASP C 177 6.42 -6.25 11.97
N ALA C 178 6.53 -7.46 11.44
CA ALA C 178 7.61 -7.84 10.52
C ALA C 178 7.78 -6.93 9.29
N PHE C 179 6.66 -6.43 8.76
CA PHE C 179 6.69 -5.50 7.62
C PHE C 179 7.36 -4.18 7.95
N HIS C 180 6.87 -3.54 9.01
CA HIS C 180 7.17 -2.14 9.28
C HIS C 180 8.64 -1.92 9.53
N PRO C 181 9.25 -0.97 8.79
CA PRO C 181 10.64 -0.62 9.06
C PRO C 181 10.75 0.07 10.41
N TYR C 182 9.60 0.55 10.89
CA TYR C 182 9.49 1.29 12.15
C TYR C 182 9.01 0.40 13.30
N ARG C 183 9.22 -0.91 13.15
CA ARG C 183 8.80 -1.89 14.15
C ARG C 183 9.67 -1.80 15.40
N SER C 184 9.13 -2.26 16.53
CA SER C 184 9.82 -2.18 17.81
C SER C 184 11.08 -3.02 17.83
N ASP C 185 12.04 -2.59 18.63
CA ASP C 185 13.29 -3.31 18.80
C ASP C 185 13.23 -4.24 20.00
N TYR C 186 12.42 -3.89 20.99
CA TYR C 186 12.17 -4.74 22.16
C TYR C 186 10.71 -4.66 22.59
N LEU C 187 10.20 -5.73 23.20
CA LEU C 187 8.87 -5.73 23.80
C LEU C 187 9.04 -5.94 25.29
N ILE C 188 8.38 -5.12 26.09
CA ILE C 188 8.40 -5.30 27.54
C ILE C 188 7.03 -5.74 28.02
N LEU C 189 6.97 -6.98 28.50
CA LEU C 189 5.74 -7.53 29.03
C LEU C 189 5.87 -7.63 30.53
N GLY C 190 4.94 -6.98 31.23
CA GLY C 190 4.92 -7.01 32.68
C GLY C 190 3.70 -7.76 33.16
N ALA C 191 3.92 -8.83 33.90
CA ALA C 191 2.85 -9.68 34.41
C ALA C 191 2.27 -9.16 35.72
N LEU C 192 1.15 -8.45 35.65
CA LEU C 192 0.43 -8.01 36.84
C LEU C 192 -0.13 -9.20 37.62
N ARG C 193 -0.73 -10.16 36.92
CA ARG C 193 -1.11 -11.44 37.53
C ARG C 193 -1.20 -12.58 36.51
N ASN C 194 -0.86 -13.78 36.97
CA ASN C 194 -0.92 -14.98 36.15
C ASN C 194 -1.25 -16.17 37.04
N PRO C 195 -2.44 -16.16 37.67
CA PRO C 195 -2.77 -17.15 38.70
C PRO C 195 -2.66 -18.60 38.22
N ASP C 196 -2.85 -18.83 36.93
CA ASP C 196 -2.78 -20.20 36.40
C ASP C 196 -1.45 -20.55 35.75
N HIS C 197 -0.53 -19.59 35.74
CA HIS C 197 0.83 -19.79 35.23
C HIS C 197 0.84 -20.08 33.74
N VAL C 198 0.04 -19.33 33.00
CA VAL C 198 -0.08 -19.49 31.56
C VAL C 198 1.14 -18.89 30.86
N PRO C 199 1.93 -19.75 30.18
CA PRO C 199 3.23 -19.38 29.60
C PRO C 199 3.14 -18.42 28.42
N THR C 200 4.24 -17.73 28.17
CA THR C 200 4.48 -17.04 26.91
C THR C 200 5.47 -17.92 26.18
N THR C 201 5.27 -18.09 24.87
CA THR C 201 6.23 -18.80 24.04
C THR C 201 7.20 -17.82 23.41
N VAL C 202 8.48 -18.14 23.47
CA VAL C 202 9.53 -17.31 22.88
C VAL C 202 10.60 -18.20 22.25
N GLY C 203 11.03 -17.85 21.04
CA GLY C 203 12.00 -18.67 20.30
C GLY C 203 13.06 -17.88 19.55
N GLU C 204 14.28 -18.40 19.59
CA GLU C 204 15.43 -17.79 18.93
C GLU C 204 15.79 -18.55 17.65
N LEU C 205 16.89 -18.14 17.02
CA LEU C 205 17.36 -18.79 15.80
C LEU C 205 18.49 -19.75 16.14
N ASP C 206 18.24 -21.04 15.98
CA ASP C 206 19.33 -22.02 16.03
C ASP C 206 20.01 -22.06 14.66
N LEU C 207 21.00 -21.20 14.49
CA LEU C 207 21.72 -21.09 13.23
C LEU C 207 22.61 -22.31 12.93
N SER C 208 22.81 -23.15 13.95
CA SER C 208 23.52 -24.42 13.79
C SER C 208 22.79 -25.39 12.86
N SER C 209 21.47 -25.27 12.78
CA SER C 209 20.65 -26.23 12.03
C SER C 209 20.46 -25.90 10.55
N LEU C 210 20.77 -24.67 10.14
CA LEU C 210 20.57 -24.24 8.76
C LEU C 210 21.82 -24.43 7.90
N SER C 211 21.59 -24.70 6.62
CA SER C 211 22.68 -24.77 5.64
C SER C 211 23.15 -23.37 5.29
N ALA C 212 24.40 -23.25 4.88
CA ALA C 212 24.94 -21.96 4.47
C ALA C 212 24.16 -21.43 3.28
N GLU C 213 23.63 -22.35 2.48
CA GLU C 213 22.90 -22.03 1.26
C GLU C 213 21.54 -21.39 1.55
N ASP C 214 20.81 -21.93 2.53
CA ASP C 214 19.53 -21.36 2.96
C ASP C 214 19.72 -19.97 3.56
N ILE C 215 20.77 -19.81 4.35
CA ILE C 215 21.09 -18.52 4.99
C ILE C 215 21.32 -17.42 3.96
N ASP C 216 22.17 -17.69 2.97
CA ASP C 216 22.45 -16.73 1.90
C ASP C 216 21.13 -16.30 1.26
N VAL C 217 20.33 -17.29 0.88
CA VAL C 217 19.01 -17.08 0.26
C VAL C 217 18.04 -16.30 1.17
N LEU C 218 18.11 -16.54 2.48
CA LEU C 218 17.28 -15.81 3.45
C LEU C 218 17.71 -14.34 3.66
N PHE C 219 18.98 -14.06 3.37
CA PHE C 219 19.51 -12.69 3.40
C PHE C 219 19.14 -11.88 2.16
N GLU C 220 18.55 -12.53 1.17
CA GLU C 220 18.19 -11.88 -0.10
C GLU C 220 16.73 -11.41 -0.13
N PRO C 221 16.44 -10.37 -0.93
CA PRO C 221 15.06 -9.86 -0.99
C PRO C 221 14.16 -10.72 -1.88
N ARG C 222 13.65 -11.81 -1.33
CA ARG C 222 12.89 -12.78 -2.11
C ARG C 222 11.58 -13.19 -1.45
N TYR C 223 11.15 -12.44 -0.44
CA TYR C 223 9.99 -12.83 0.37
C TYR C 223 8.98 -11.70 0.50
N HIS C 224 7.70 -12.04 0.34
CA HIS C 224 6.68 -11.03 0.58
C HIS C 224 6.29 -10.98 2.02
N ILE C 225 6.43 -9.79 2.60
CA ILE C 225 6.02 -9.52 3.96
C ILE C 225 4.92 -8.45 3.94
N ALA C 226 3.71 -8.88 4.28
CA ALA C 226 2.51 -8.04 4.19
C ALA C 226 2.31 -7.25 5.48
N PRO C 227 1.71 -6.04 5.38
CA PRO C 227 1.47 -5.22 6.57
C PRO C 227 0.26 -5.70 7.38
N ASP C 228 0.33 -5.52 8.70
CA ASP C 228 -0.80 -5.78 9.58
C ASP C 228 -1.81 -4.65 9.43
N GLU C 229 -3.09 -5.01 9.33
CA GLU C 229 -4.17 -4.04 9.14
C GLU C 229 -4.30 -3.10 10.35
N SER C 230 -3.73 -1.90 10.18
CA SER C 230 -3.51 -0.95 11.26
C SER C 230 -3.25 0.43 10.67
N THR C 249 -1.27 12.59 5.53
CA THR C 249 -1.13 11.76 4.33
C THR C 249 0.07 10.84 4.46
N ILE C 250 -0.19 9.54 4.39
CA ILE C 250 0.80 8.51 4.72
C ILE C 250 1.51 7.96 3.47
N GLN C 251 2.78 7.59 3.62
CA GLN C 251 3.58 7.00 2.54
C GLN C 251 3.08 5.60 2.18
N ARG C 252 2.78 5.40 0.90
CA ARG C 252 2.17 4.15 0.44
C ARG C 252 3.06 3.37 -0.52
N MET C 253 4.33 3.19 -0.15
CA MET C 253 5.22 2.24 -0.82
C MET C 253 4.77 0.84 -0.38
N ILE C 254 3.79 0.83 0.52
CA ILE C 254 3.16 -0.38 1.05
C ILE C 254 2.34 -1.12 -0.02
N ASP C 255 1.69 -0.34 -0.90
CA ASP C 255 0.87 -0.87 -1.98
C ASP C 255 1.68 -1.53 -3.10
N GLU C 256 2.94 -1.11 -3.23
CA GLU C 256 3.92 -1.77 -4.11
C GLU C 256 4.18 -3.19 -3.63
N ARG C 257 4.10 -3.36 -2.31
CA ARG C 257 4.35 -4.62 -1.62
C ARG C 257 5.53 -5.44 -2.20
N PRO C 258 6.76 -4.89 -2.09
CA PRO C 258 7.89 -5.55 -2.72
C PRO C 258 8.48 -6.64 -1.83
N LEU C 259 9.64 -7.14 -2.22
CA LEU C 259 10.23 -8.31 -1.59
C LEU C 259 11.39 -7.92 -0.69
N GLY C 260 11.60 -8.69 0.36
CA GLY C 260 12.64 -8.38 1.33
C GLY C 260 13.26 -9.62 1.94
N PRO C 261 14.38 -9.45 2.66
CA PRO C 261 15.03 -10.53 3.39
C PRO C 261 14.32 -10.84 4.70
N LEU C 262 14.42 -12.09 5.16
CA LEU C 262 13.88 -12.49 6.45
C LEU C 262 14.98 -12.41 7.50
N LEU C 263 16.23 -12.52 7.06
CA LEU C 263 17.40 -12.38 7.93
C LEU C 263 18.28 -11.22 7.47
N TYR C 264 18.92 -10.55 8.42
CA TYR C 264 19.70 -9.34 8.16
C TYR C 264 20.78 -9.12 9.23
N GLY C 265 21.59 -8.08 9.04
CA GLY C 265 22.76 -7.88 9.90
C GLY C 265 23.85 -8.89 9.57
N SER C 266 24.64 -9.25 10.57
CA SER C 266 25.75 -10.19 10.38
C SER C 266 25.30 -11.57 9.87
N ARG C 267 25.93 -12.02 8.80
CA ARG C 267 25.72 -13.37 8.26
C ARG C 267 26.01 -14.43 9.31
N LEU C 268 26.92 -14.09 10.22
CA LEU C 268 27.38 -15.02 11.25
C LEU C 268 26.43 -15.12 12.46
N ASP C 269 25.84 -14.00 12.85
CA ASP C 269 24.89 -13.98 13.96
C ASP C 269 23.68 -13.11 13.55
N PRO C 270 22.83 -13.64 12.66
CA PRO C 270 21.83 -12.83 11.99
C PRO C 270 20.65 -12.41 12.85
N TYR C 271 20.09 -11.24 12.52
CA TYR C 271 18.82 -10.83 13.06
C TYR C 271 17.74 -11.45 12.20
N MET C 272 16.53 -11.52 12.73
CA MET C 272 15.41 -12.08 11.98
C MET C 272 14.16 -11.20 12.01
N ARG C 273 13.41 -11.17 10.91
CA ARG C 273 12.07 -10.60 10.90
C ARG C 273 11.15 -11.65 10.34
N LEU C 274 10.56 -12.42 11.25
CA LEU C 274 9.83 -13.61 10.88
C LEU C 274 8.44 -13.68 11.52
N ASP C 275 7.45 -13.29 10.74
CA ASP C 275 6.07 -13.51 11.08
C ASP C 275 5.48 -14.35 9.95
N PRO C 276 5.39 -15.67 10.17
CA PRO C 276 4.87 -16.59 9.15
C PRO C 276 3.50 -16.17 8.63
N TYR C 277 2.71 -15.57 9.51
CA TYR C 277 1.33 -15.17 9.24
C TYR C 277 1.24 -14.10 8.16
N PHE C 278 2.22 -13.21 8.12
CA PHE C 278 2.24 -12.12 7.14
C PHE C 278 3.32 -12.32 6.09
N THR C 279 3.74 -13.57 5.91
CA THR C 279 4.79 -13.90 4.93
C THR C 279 4.29 -14.86 3.83
N SER C 280 4.62 -14.52 2.58
CA SER C 280 4.42 -15.45 1.47
C SER C 280 5.62 -15.46 0.50
N VAL C 281 5.75 -16.55 -0.24
CA VAL C 281 6.83 -16.72 -1.22
C VAL C 281 6.24 -16.87 -2.62
N PRO C 282 6.83 -16.18 -3.62
CA PRO C 282 6.42 -16.38 -5.01
C PRO C 282 6.61 -17.84 -5.43
N GLN C 283 5.53 -18.44 -5.96
CA GLN C 283 5.45 -19.87 -6.28
C GLN C 283 6.65 -20.43 -7.06
N ASP C 284 7.16 -19.65 -8.00
CA ASP C 284 8.23 -20.09 -8.90
C ASP C 284 9.63 -20.04 -8.29
N ASP C 285 9.83 -19.21 -7.28
CA ASP C 285 11.10 -19.18 -6.54
C ASP C 285 11.22 -20.38 -5.61
N THR C 286 11.86 -21.43 -6.09
CA THR C 286 11.99 -22.69 -5.37
C THR C 286 12.99 -22.61 -4.21
N ASP C 287 14.11 -21.94 -4.43
CA ASP C 287 15.14 -21.81 -3.40
C ASP C 287 14.65 -21.04 -2.17
N ALA C 288 13.75 -20.08 -2.39
CA ALA C 288 13.25 -19.23 -1.32
C ALA C 288 12.30 -19.96 -0.39
N ARG C 289 11.31 -20.65 -0.96
CA ARG C 289 10.34 -21.41 -0.15
C ARG C 289 10.98 -22.62 0.52
N ARG C 290 12.10 -23.09 -0.03
CA ARG C 290 12.91 -24.13 0.61
C ARG C 290 13.53 -23.57 1.89
N ALA C 291 14.29 -22.49 1.72
CA ALA C 291 14.94 -21.80 2.83
C ALA C 291 13.92 -21.39 3.91
N TYR C 292 12.79 -20.85 3.47
CA TYR C 292 11.72 -20.46 4.37
C TYR C 292 11.14 -21.62 5.16
N ASP C 293 10.99 -22.76 4.49
CA ASP C 293 10.59 -24.00 5.17
C ASP C 293 11.59 -24.40 6.23
N ALA C 294 12.86 -24.44 5.86
CA ALA C 294 13.93 -24.78 6.79
C ALA C 294 13.91 -23.82 7.97
N LEU C 295 13.83 -22.52 7.69
CA LEU C 295 13.80 -21.48 8.73
C LEU C 295 12.62 -21.65 9.67
N PHE C 296 11.42 -21.81 9.11
CA PHE C 296 10.20 -21.97 9.91
C PHE C 296 10.32 -23.17 10.84
N LYS C 297 10.81 -24.29 10.31
CA LYS C 297 10.90 -25.52 11.08
C LYS C 297 11.91 -25.43 12.22
N VAL C 298 13.04 -24.76 11.96
CA VAL C 298 14.11 -24.62 12.95
C VAL C 298 13.63 -23.81 14.15
N VAL C 299 12.98 -22.68 13.84
CA VAL C 299 12.44 -21.79 14.86
C VAL C 299 11.29 -22.47 15.63
N ASP C 300 10.31 -23.01 14.91
CA ASP C 300 9.18 -23.71 15.55
C ASP C 300 9.64 -24.78 16.54
N SER C 301 10.73 -25.47 16.22
CA SER C 301 11.27 -26.52 17.09
C SER C 301 11.88 -25.98 18.36
N GLY C 302 12.62 -24.87 18.23
CA GLY C 302 13.34 -24.28 19.35
C GLY C 302 12.45 -23.60 20.37
N MET C 303 11.23 -23.25 19.95
CA MET C 303 10.28 -22.55 20.81
C MET C 303 10.32 -23.04 22.26
N ARG C 304 10.62 -22.12 23.17
CA ARG C 304 10.67 -22.40 24.59
C ARG C 304 9.38 -21.93 25.25
N GLU C 305 9.19 -22.32 26.50
CA GLU C 305 8.11 -21.76 27.29
C GLU C 305 8.67 -20.92 28.42
N VAL C 306 8.20 -19.68 28.50
CA VAL C 306 8.57 -18.79 29.58
C VAL C 306 7.30 -18.32 30.22
N VAL C 307 7.12 -18.68 31.49
CA VAL C 307 5.97 -18.21 32.25
C VAL C 307 6.34 -16.89 32.90
N ALA C 308 5.53 -15.88 32.63
CA ALA C 308 5.63 -14.63 33.34
C ALA C 308 4.61 -14.67 34.46
N ASP C 309 5.05 -15.14 35.63
CA ASP C 309 4.21 -15.14 36.82
C ASP C 309 4.08 -13.72 37.35
N GLN C 310 3.09 -13.48 38.20
CA GLN C 310 2.90 -12.18 38.85
C GLN C 310 4.21 -11.58 39.36
N GLY C 311 4.50 -10.34 38.97
CA GLY C 311 5.74 -9.69 39.35
C GLY C 311 6.95 -10.04 38.49
N ASP C 312 6.71 -10.71 37.36
CA ASP C 312 7.75 -10.94 36.36
C ASP C 312 7.63 -9.91 35.24
N VAL C 313 8.79 -9.41 34.83
CA VAL C 313 8.84 -8.54 33.66
C VAL C 313 9.74 -9.18 32.63
N LEU C 314 9.11 -9.61 31.53
CA LEU C 314 9.77 -10.31 30.43
C LEU C 314 10.20 -9.34 29.34
N PHE C 315 11.45 -9.48 28.91
CA PHE C 315 12.04 -8.61 27.90
C PHE C 315 12.31 -9.42 26.65
N ILE C 316 11.62 -9.08 25.56
CA ILE C 316 11.80 -9.75 24.27
C ILE C 316 12.53 -8.87 23.27
N ASP C 317 13.66 -9.37 22.77
CA ASP C 317 14.41 -8.75 21.69
C ASP C 317 13.77 -9.10 20.37
N ASN C 318 13.06 -8.14 19.78
CA ASN C 318 12.28 -8.37 18.56
C ASN C 318 13.12 -8.60 17.29
N HIS C 319 14.43 -8.67 17.44
CA HIS C 319 15.30 -9.01 16.31
C HIS C 319 15.91 -10.36 16.48
N ARG C 320 15.82 -10.90 17.70
CA ARG C 320 16.47 -12.18 18.03
C ARG C 320 15.50 -13.23 18.55
N ALA C 321 14.24 -12.85 18.72
CA ALA C 321 13.27 -13.77 19.26
C ALA C 321 11.90 -13.50 18.70
N VAL C 322 11.21 -14.59 18.39
CA VAL C 322 9.79 -14.54 18.08
C VAL C 322 9.02 -14.84 19.35
N HIS C 323 7.77 -14.38 19.42
CA HIS C 323 6.93 -14.62 20.58
C HIS C 323 5.53 -15.00 20.20
N GLY C 324 4.93 -15.85 21.02
CA GLY C 324 3.51 -16.16 20.93
C GLY C 324 3.00 -16.51 22.31
N ARG C 325 1.70 -16.76 22.41
CA ARG C 325 1.09 -17.13 23.69
C ARG C 325 0.29 -18.42 23.52
N LEU C 326 0.44 -19.34 24.47
CA LEU C 326 -0.29 -20.60 24.44
C LEU C 326 -1.79 -20.43 24.69
N PRO C 327 -2.61 -21.36 24.15
CA PRO C 327 -4.04 -21.26 24.41
C PRO C 327 -4.32 -21.49 25.90
N PHE C 328 -5.22 -20.70 26.47
CA PHE C 328 -5.61 -20.87 27.87
C PHE C 328 -7.10 -20.68 28.13
N GLN C 329 -7.61 -21.37 29.14
CA GLN C 329 -8.99 -21.21 29.58
C GLN C 329 -9.08 -20.03 30.55
N ALA C 330 -9.68 -18.94 30.09
CA ALA C 330 -9.85 -17.73 30.90
C ALA C 330 -10.87 -17.95 32.01
N ARG C 331 -11.21 -16.89 32.74
CA ARG C 331 -12.23 -16.96 33.81
C ARG C 331 -13.10 -15.71 33.93
N TYR C 332 -13.14 -14.89 32.88
CA TYR C 332 -13.91 -13.63 32.82
C TYR C 332 -14.67 -13.25 34.09
N ASP C 333 -13.95 -12.89 35.15
CA ASP C 333 -14.55 -12.49 36.43
C ASP C 333 -13.79 -11.35 37.12
N GLY C 334 -12.49 -11.26 36.86
CA GLY C 334 -11.62 -10.26 37.47
C GLY C 334 -10.40 -10.88 38.12
N THR C 335 -10.27 -12.19 37.99
CA THR C 335 -9.14 -12.95 38.52
C THR C 335 -8.15 -13.25 37.40
N ASP C 336 -8.41 -12.67 36.23
CA ASP C 336 -7.77 -13.09 34.99
C ASP C 336 -6.35 -12.59 34.75
N ARG C 337 -5.59 -13.41 34.03
CA ARG C 337 -4.23 -13.11 33.58
C ARG C 337 -4.19 -11.69 33.03
N TRP C 338 -3.26 -10.89 33.54
CA TRP C 338 -3.17 -9.49 33.14
C TRP C 338 -1.76 -9.07 32.89
N LEU C 339 -1.40 -8.97 31.61
CA LEU C 339 -0.08 -8.47 31.22
C LEU C 339 -0.23 -7.03 30.73
N LYS C 340 0.83 -6.26 30.95
CA LYS C 340 0.94 -4.92 30.40
C LYS C 340 2.10 -4.92 29.41
N ARG C 341 1.95 -4.23 28.29
CA ARG C 341 2.98 -4.21 27.24
C ARG C 341 3.46 -2.81 26.87
N VAL C 342 4.77 -2.67 26.72
CA VAL C 342 5.38 -1.46 26.15
C VAL C 342 6.32 -1.83 25.01
N CYS C 343 6.20 -1.10 23.90
CA CYS C 343 7.03 -1.30 22.73
C CYS C 343 8.20 -0.33 22.75
N VAL C 344 9.40 -0.84 22.49
CA VAL C 344 10.62 -0.05 22.60
C VAL C 344 11.22 0.17 21.23
N THR C 345 11.51 1.43 20.91
CA THR C 345 12.25 1.74 19.69
C THR C 345 13.62 2.27 20.08
N SER C 346 14.64 1.86 19.32
CA SER C 346 15.99 2.33 19.54
C SER C 346 16.18 3.72 18.94
N ASP C 347 15.41 4.01 17.89
CA ASP C 347 15.45 5.32 17.25
C ASP C 347 14.04 5.83 16.97
N LEU C 348 13.62 6.82 17.74
CA LEU C 348 12.27 7.36 17.63
C LEU C 348 12.03 8.14 16.34
N ARG C 349 13.07 8.81 15.86
CA ARG C 349 12.98 9.67 14.67
C ARG C 349 12.88 8.90 13.36
N ARG C 350 13.18 7.60 13.37
CA ARG C 350 13.03 6.77 12.18
C ARG C 350 11.57 6.66 11.75
N SER C 351 10.65 6.72 12.71
CA SER C 351 9.23 6.68 12.43
C SER C 351 8.60 8.08 12.28
N ARG C 352 9.46 9.10 12.16
CA ARG C 352 9.05 10.51 12.14
C ARG C 352 7.91 10.84 11.16
N GLU C 353 7.91 10.19 10.00
CA GLU C 353 6.87 10.42 9.00
C GLU C 353 5.53 9.78 9.36
N MET C 354 5.57 8.73 10.17
CA MET C 354 4.36 8.05 10.63
C MET C 354 3.74 8.77 11.82
N ARG C 355 4.47 9.77 12.34
CA ARG C 355 4.04 10.52 13.52
C ARG C 355 3.74 11.99 13.16
N ALA C 356 2.59 12.48 13.63
CA ALA C 356 2.13 13.84 13.32
C ALA C 356 3.11 14.93 13.77
N THR C 357 3.16 15.19 15.07
CA THR C 357 4.11 16.17 15.62
C THR C 357 5.46 15.53 15.88
N SER C 358 6.45 16.35 16.23
CA SER C 358 7.79 15.86 16.53
C SER C 358 7.83 15.18 17.90
N ALA C 359 6.91 15.58 18.79
CA ALA C 359 6.86 15.09 20.16
C ALA C 359 6.02 13.83 20.32
N THR C 360 4.96 13.69 19.52
CA THR C 360 4.05 12.54 19.64
C THR C 360 4.78 11.20 19.51
N ARG C 361 4.42 10.26 20.38
CA ARG C 361 5.06 8.94 20.39
C ARG C 361 4.15 7.88 19.80
N LEU C 362 3.05 8.33 19.22
CA LEU C 362 2.11 7.46 18.52
C LEU C 362 2.33 7.53 17.02
N LEU C 363 2.15 6.39 16.36
CA LEU C 363 2.30 6.29 14.91
C LEU C 363 0.95 6.12 14.24
N GLY C 364 0.60 7.07 13.37
CA GLY C 364 -0.64 7.02 12.60
C GLY C 364 -1.76 7.85 13.21
N THR D 29 18.19 29.66 17.68
CA THR D 29 19.34 28.73 17.92
C THR D 29 19.74 28.69 19.41
N PRO D 30 18.96 27.94 20.23
CA PRO D 30 19.15 27.90 21.69
C PRO D 30 20.52 27.40 22.14
N SER D 31 20.85 27.69 23.40
CA SER D 31 22.11 27.26 23.99
C SER D 31 21.97 27.07 25.50
N TYR D 32 23.05 26.63 26.15
CA TYR D 32 23.07 26.48 27.59
C TYR D 32 24.34 27.07 28.16
N SER D 33 24.16 27.96 29.13
CA SER D 33 25.30 28.55 29.82
C SER D 33 25.30 28.04 31.24
N LEU D 34 26.34 27.30 31.58
CA LEU D 34 26.51 26.72 32.90
C LEU D 34 26.76 27.79 33.96
N THR D 35 26.13 27.60 35.12
CA THR D 35 26.52 28.35 36.31
C THR D 35 27.93 27.86 36.68
N PRO D 36 28.73 28.73 37.34
CA PRO D 36 30.05 28.31 37.79
C PRO D 36 30.02 27.09 38.70
N ALA D 37 28.91 26.91 39.43
CA ALA D 37 28.68 25.73 40.24
C ALA D 37 28.52 24.48 39.37
N GLU D 38 27.74 24.62 38.29
CA GLU D 38 27.57 23.56 37.30
C GLU D 38 28.89 23.20 36.66
N ALA D 39 29.57 24.19 36.09
CA ALA D 39 30.91 24.03 35.52
C ALA D 39 31.81 23.22 36.45
N SER D 40 31.78 23.59 37.73
CA SER D 40 32.58 22.97 38.78
C SER D 40 32.16 21.53 39.02
N ALA D 41 30.85 21.31 39.21
CA ALA D 41 30.31 19.97 39.45
C ALA D 41 30.66 19.00 38.31
N VAL D 42 30.55 19.51 37.08
CA VAL D 42 30.94 18.78 35.86
C VAL D 42 32.42 18.44 35.88
N ALA D 43 33.28 19.45 36.05
CA ALA D 43 34.72 19.23 36.07
C ALA D 43 35.13 18.22 37.13
N GLU D 44 34.39 18.17 38.23
CA GLU D 44 34.70 17.25 39.32
C GLU D 44 34.25 15.83 39.01
N LEU D 45 33.08 15.69 38.39
CA LEU D 45 32.56 14.39 37.99
C LEU D 45 33.49 13.73 36.99
N THR D 46 33.99 14.52 36.05
CA THR D 46 34.80 13.99 34.96
C THR D 46 36.22 13.62 35.40
N LEU D 47 36.79 14.40 36.31
CA LEU D 47 38.10 14.07 36.90
C LEU D 47 38.02 12.77 37.68
N GLU D 48 36.94 12.62 38.45
CA GLU D 48 36.68 11.43 39.25
C GLU D 48 36.62 10.18 38.39
N LEU D 49 35.95 10.28 37.26
CA LEU D 49 35.79 9.16 36.33
C LEU D 49 37.10 8.82 35.64
N ALA D 50 37.89 9.86 35.33
CA ALA D 50 39.18 9.70 34.67
C ALA D 50 40.18 8.89 35.48
N ALA D 51 39.97 8.85 36.79
CA ALA D 51 40.80 8.08 37.71
C ALA D 51 40.18 6.72 38.06
N ALA D 52 38.89 6.56 37.79
CA ALA D 52 38.20 5.30 38.08
C ALA D 52 38.27 4.31 36.91
N TYR D 53 38.49 4.85 35.72
CA TYR D 53 38.53 4.03 34.50
C TYR D 53 39.86 4.18 33.76
N GLY D 54 40.25 3.13 33.02
CA GLY D 54 41.50 3.13 32.26
C GLY D 54 41.41 4.04 31.04
N SER D 55 40.71 3.57 30.02
CA SER D 55 40.37 4.37 28.84
C SER D 55 39.00 3.93 28.34
N PHE D 56 38.72 4.16 27.06
CA PHE D 56 37.52 3.61 26.43
C PHE D 56 37.74 2.11 26.17
N GLY D 57 38.93 1.63 26.52
CA GLY D 57 39.35 0.24 26.30
C GLY D 57 38.68 -0.82 27.17
N ASP D 58 38.09 -0.39 28.28
CA ASP D 58 37.31 -1.32 29.12
C ASP D 58 35.80 -1.14 28.91
N PRO D 59 35.10 -2.26 28.65
CA PRO D 59 33.66 -2.28 28.40
C PRO D 59 32.80 -1.76 29.56
N VAL D 60 33.33 -1.88 30.78
CA VAL D 60 32.60 -1.44 31.98
C VAL D 60 32.22 0.04 31.90
N LEU D 61 33.14 0.85 31.39
CA LEU D 61 32.88 2.27 31.15
C LEU D 61 31.72 2.47 30.19
N LEU D 62 31.78 1.77 29.05
CA LEU D 62 30.74 1.82 28.03
C LEU D 62 29.39 1.36 28.56
N ARG D 63 29.43 0.36 29.45
CA ARG D 63 28.25 -0.14 30.14
C ARG D 63 27.69 0.89 31.11
N ASP D 64 28.56 1.48 31.93
CA ASP D 64 28.13 2.40 32.98
C ASP D 64 27.72 3.77 32.46
N LEU D 65 28.15 4.06 31.24
CA LEU D 65 28.02 5.40 30.63
C LEU D 65 26.68 6.15 30.88
N PRO D 66 25.53 5.58 30.47
CA PRO D 66 24.27 6.30 30.69
C PRO D 66 23.92 6.55 32.16
N ARG D 67 24.32 5.63 33.04
CA ARG D 67 24.10 5.82 34.48
C ARG D 67 25.00 6.94 35.00
N LEU D 68 26.23 6.99 34.50
CA LEU D 68 27.19 8.05 34.84
C LEU D 68 26.74 9.40 34.32
N ALA D 69 26.15 9.41 33.13
CA ALA D 69 25.62 10.63 32.54
C ALA D 69 24.52 11.27 33.40
N ALA D 70 23.80 10.43 34.15
CA ALA D 70 22.73 10.88 35.03
C ALA D 70 23.26 11.59 36.29
N ARG D 71 24.58 11.56 36.47
CA ARG D 71 25.21 12.25 37.58
C ARG D 71 25.60 13.67 37.18
N LEU D 72 25.38 14.01 35.91
CA LEU D 72 25.52 15.39 35.46
C LEU D 72 24.37 16.23 36.04
N PRO D 73 24.60 17.55 36.19
CA PRO D 73 23.55 18.46 36.67
C PRO D 73 22.23 18.24 35.93
N GLU D 74 21.17 18.02 36.70
CA GLU D 74 19.82 17.85 36.16
C GLU D 74 19.52 18.81 35.01
N GLY D 75 19.88 20.08 35.19
CA GLY D 75 19.62 21.13 34.19
C GLY D 75 20.25 20.87 32.82
N VAL D 76 21.46 20.31 32.83
CA VAL D 76 22.15 19.93 31.59
C VAL D 76 21.42 18.75 30.96
N GLN D 77 21.08 17.76 31.78
CA GLN D 77 20.36 16.58 31.32
C GLN D 77 19.04 16.95 30.63
N ASP D 78 18.29 17.87 31.24
CA ASP D 78 16.98 18.27 30.71
C ASP D 78 17.11 19.03 29.41
N PHE D 79 18.17 19.82 29.29
CA PHE D 79 18.42 20.61 28.09
C PHE D 79 18.70 19.71 26.88
N LEU D 80 19.64 18.77 27.05
CA LEU D 80 20.02 17.87 25.96
C LEU D 80 18.92 16.87 25.61
N ARG D 81 18.11 16.53 26.59
CA ARG D 81 16.96 15.67 26.38
C ARG D 81 15.92 16.41 25.54
N GLU D 82 15.67 17.65 25.93
CA GLU D 82 14.73 18.53 25.23
C GLU D 82 15.15 18.74 23.78
N PHE D 83 16.43 19.05 23.59
CA PHE D 83 17.02 19.21 22.26
C PHE D 83 16.74 18.00 21.36
N LYS D 84 16.86 16.80 21.95
CA LYS D 84 16.68 15.54 21.23
C LYS D 84 15.22 15.22 20.94
N LEU D 85 14.34 15.56 21.87
CA LEU D 85 12.92 15.22 21.75
C LEU D 85 12.11 16.29 21.06
N ALA D 86 12.55 17.55 21.17
CA ALA D 86 11.96 18.64 20.39
C ALA D 86 12.25 18.42 18.91
N ASP D 87 13.46 17.94 18.61
CA ASP D 87 13.85 17.52 17.25
C ASP D 87 13.49 18.61 16.24
N ARG D 88 13.98 19.82 16.50
CA ARG D 88 13.62 20.99 15.72
C ARG D 88 14.85 21.83 15.39
N HIS D 89 15.88 21.73 16.22
CA HIS D 89 17.08 22.53 16.02
C HIS D 89 18.20 21.71 15.48
N GLY D 90 18.91 22.26 14.51
CA GLY D 90 20.03 21.59 13.88
C GLY D 90 21.25 21.50 14.76
N HIS D 91 21.30 22.33 15.80
CA HIS D 91 22.42 22.37 16.71
C HIS D 91 22.14 23.21 17.94
N THR D 92 22.80 22.86 19.06
CA THR D 92 22.86 23.71 20.25
C THR D 92 24.29 23.69 20.78
N VAL D 93 24.58 24.63 21.68
CA VAL D 93 25.88 24.71 22.33
C VAL D 93 25.70 24.72 23.85
N ILE D 94 26.55 24.00 24.57
CA ILE D 94 26.63 24.16 26.02
C ILE D 94 27.93 24.88 26.36
N ARG D 95 27.79 26.09 26.90
CA ARG D 95 28.92 26.99 27.14
C ARG D 95 29.28 27.07 28.62
N GLY D 96 30.57 27.22 28.90
CA GLY D 96 31.05 27.47 30.25
C GLY D 96 31.80 26.33 30.94
N HIS D 97 32.12 25.28 30.20
CA HIS D 97 32.81 24.13 30.79
C HIS D 97 34.16 24.53 31.33
N ASP D 98 34.48 24.01 32.51
CA ASP D 98 35.76 24.26 33.15
C ASP D 98 36.84 23.36 32.53
N PHE D 99 37.52 23.87 31.50
CA PHE D 99 38.59 23.12 30.85
C PHE D 99 39.96 23.57 31.32
N ASP D 100 40.47 22.90 32.34
CA ASP D 100 41.79 23.19 32.90
C ASP D 100 42.87 23.07 31.83
N GLN D 101 43.26 24.22 31.25
CA GLN D 101 44.25 24.26 30.16
C GLN D 101 45.58 23.65 30.55
N ARG D 102 46.04 23.95 31.77
CA ARG D 102 47.35 23.49 32.22
C ARG D 102 47.42 21.97 32.32
N ARG D 103 46.30 21.35 32.73
CA ARG D 103 46.21 19.89 32.76
C ARG D 103 46.06 19.36 31.34
N ILE D 104 45.16 19.98 30.57
CA ILE D 104 44.95 19.62 29.16
C ILE D 104 46.27 19.57 28.39
N GLY D 105 47.10 20.59 28.59
CA GLY D 105 48.46 20.59 28.04
C GLY D 105 48.56 21.16 26.64
N PRO D 106 49.75 21.08 26.03
CA PRO D 106 49.95 21.64 24.70
C PRO D 106 49.22 20.84 23.61
N THR D 107 48.67 21.55 22.63
CA THR D 107 48.10 20.96 21.42
C THR D 107 49.16 20.10 20.72
N PRO D 108 48.83 18.84 20.41
CA PRO D 108 49.84 17.94 19.85
C PRO D 108 50.16 18.21 18.39
N ASP D 109 51.37 17.80 17.99
CA ASP D 109 51.73 17.66 16.58
C ASP D 109 51.63 16.15 16.32
N HIS D 110 50.98 15.78 15.20
CA HIS D 110 50.65 14.39 14.89
C HIS D 110 49.49 13.91 15.73
N TRP D 111 48.51 13.28 15.09
CA TRP D 111 47.46 12.59 15.85
C TRP D 111 47.89 11.18 16.19
N ARG D 112 48.76 10.63 15.35
CA ARG D 112 49.38 9.33 15.61
C ARG D 112 50.83 9.57 16.05
N GLY D 113 51.15 9.13 17.26
CA GLY D 113 52.43 9.42 17.90
C GLY D 113 52.20 9.99 19.28
N ARG D 114 51.06 9.59 19.86
CA ARG D 114 50.61 10.09 21.15
C ARG D 114 50.20 8.96 22.09
N VAL D 115 50.35 9.20 23.39
CA VAL D 115 49.81 8.30 24.41
C VAL D 115 48.31 8.50 24.49
N ARG D 116 47.57 7.40 24.67
CA ARG D 116 46.12 7.45 24.85
C ARG D 116 45.69 6.48 25.95
N PRO D 117 44.87 6.97 26.91
CA PRO D 117 44.36 8.34 26.96
C PRO D 117 45.41 9.32 27.49
N GLY D 118 45.33 10.56 27.01
CA GLY D 118 46.20 11.63 27.46
C GLY D 118 45.68 12.30 28.72
N PRO D 119 46.25 13.47 29.08
CA PRO D 119 45.78 14.20 30.26
C PRO D 119 44.42 14.86 30.05
N GLU D 120 43.97 14.91 28.79
CA GLU D 120 42.69 15.50 28.43
C GLU D 120 41.56 14.48 28.57
N PHE D 121 41.92 13.29 29.07
CA PHE D 121 40.99 12.20 29.27
C PHE D 121 39.70 12.55 30.03
N PRO D 122 39.75 13.51 30.97
CA PRO D 122 38.48 13.98 31.54
C PRO D 122 37.52 14.58 30.52
N GLU D 123 38.04 15.38 29.59
CA GLU D 123 37.22 16.05 28.58
C GLU D 123 36.67 15.09 27.55
N GLU D 124 37.40 14.01 27.30
CA GLU D 124 36.96 13.00 26.36
C GLU D 124 35.77 12.27 26.97
N LEU D 125 35.89 11.94 28.25
CA LEU D 125 34.81 11.32 29.03
C LEU D 125 33.55 12.17 29.10
N LEU D 126 33.72 13.49 29.20
CA LEU D 126 32.58 14.39 29.27
C LEU D 126 31.74 14.29 28.02
N LEU D 127 32.43 14.22 26.88
CA LEU D 127 31.77 14.07 25.59
C LEU D 127 31.16 12.67 25.47
N MET D 128 31.85 11.68 26.01
CA MET D 128 31.34 10.31 26.09
C MET D 128 30.07 10.26 26.94
N LEU D 129 30.03 11.09 27.98
CA LEU D 129 28.83 11.20 28.79
C LEU D 129 27.68 11.84 28.02
N TYR D 130 27.96 12.94 27.33
CA TYR D 130 26.94 13.61 26.51
C TYR D 130 26.39 12.68 25.42
N SER D 131 27.26 11.86 24.84
CA SER D 131 26.86 10.93 23.79
C SER D 131 25.87 9.91 24.30
N ALA D 132 26.02 9.54 25.57
CA ALA D 132 25.15 8.54 26.20
C ALA D 132 23.76 9.10 26.48
N LEU D 133 23.67 10.43 26.61
CA LEU D 133 22.38 11.07 26.79
C LEU D 133 21.59 11.10 25.50
N LEU D 134 22.32 11.23 24.39
CA LEU D 134 21.71 11.32 23.06
C LEU D 134 21.52 9.96 22.41
N GLY D 135 22.50 9.06 22.57
CA GLY D 135 22.41 7.72 22.01
C GLY D 135 23.59 6.85 22.42
N GLU D 136 24.41 6.47 21.44
CA GLU D 136 25.58 5.65 21.69
C GLU D 136 26.80 6.18 20.95
N PRO D 137 27.95 6.26 21.63
CA PRO D 137 29.20 6.59 20.95
C PRO D 137 29.62 5.49 19.97
N PHE D 138 30.05 5.88 18.77
CA PHE D 138 30.58 4.93 17.82
C PHE D 138 31.66 5.59 16.98
N GLY D 139 32.51 4.78 16.38
CA GLY D 139 33.58 5.28 15.51
C GLY D 139 33.80 4.40 14.30
N TRP D 140 34.79 4.77 13.50
CA TRP D 140 35.13 4.05 12.28
C TRP D 140 36.49 3.44 12.37
N ALA D 141 36.63 2.25 11.79
CA ALA D 141 37.89 1.51 11.82
C ALA D 141 39.03 2.22 11.07
N THR D 142 38.68 2.88 9.97
CA THR D 142 39.67 3.53 9.10
C THR D 142 40.00 4.97 9.53
N GLN D 143 39.36 5.43 10.60
CA GLN D 143 39.55 6.80 11.08
C GLN D 143 40.20 6.87 12.46
N GLN D 144 41.39 7.49 12.49
CA GLN D 144 42.15 7.75 13.71
C GLN D 144 42.40 6.52 14.61
N ASP D 145 42.78 5.42 13.96
CA ASP D 145 43.07 4.14 14.64
C ASP D 145 41.97 3.62 15.56
N GLY D 146 40.72 3.93 15.21
CA GLY D 146 39.56 3.45 15.94
C GLY D 146 39.41 4.03 17.33
N HIS D 147 39.49 5.35 17.43
CA HIS D 147 39.21 6.05 18.68
C HIS D 147 37.84 6.63 18.64
N LEU D 148 37.03 6.30 19.64
CA LEU D 148 35.66 6.81 19.73
C LEU D 148 35.64 8.33 19.85
N VAL D 149 36.71 8.88 20.45
CA VAL D 149 36.91 10.32 20.54
C VAL D 149 38.00 10.75 19.56
N HIS D 150 37.66 11.72 18.71
CA HIS D 150 38.57 12.17 17.64
C HIS D 150 39.18 13.51 17.95
N ASP D 151 40.47 13.63 17.62
CA ASP D 151 41.19 14.90 17.71
C ASP D 151 41.03 15.72 16.46
N ILE D 152 40.77 17.02 16.62
CA ILE D 152 40.77 17.97 15.51
C ILE D 152 41.78 19.08 15.78
N PHE D 153 42.99 18.91 15.24
CA PHE D 153 44.04 19.93 15.35
C PHE D 153 44.92 20.00 14.11
N PRO D 154 45.63 21.14 13.91
CA PRO D 154 46.52 21.32 12.76
C PRO D 154 47.70 20.34 12.68
N ILE D 155 47.95 19.84 11.48
CA ILE D 155 49.10 18.98 11.17
C ILE D 155 49.48 19.14 9.70
N LEU D 171 37.65 23.90 3.89
CA LEU D 171 36.95 22.90 3.09
C LEU D 171 35.43 22.89 3.39
N THR D 172 34.66 22.46 2.40
CA THR D 172 33.21 22.75 2.30
C THR D 172 32.28 22.00 3.26
N TRP D 173 31.00 22.36 3.21
CA TRP D 173 29.96 21.81 4.07
C TRP D 173 29.29 20.58 3.52
N HIS D 174 28.73 19.78 4.44
CA HIS D 174 28.08 18.52 4.09
C HIS D 174 27.46 17.87 5.29
N THR D 175 26.48 17.00 5.03
CA THR D 175 26.03 16.00 5.99
C THR D 175 27.17 14.98 6.15
N GLU D 176 27.39 14.53 7.38
CA GLU D 176 28.38 13.50 7.67
C GLU D 176 27.90 12.18 7.03
N ASP D 177 28.73 11.62 6.16
CA ASP D 177 28.48 10.32 5.49
C ASP D 177 27.07 10.15 4.93
N ALA D 178 26.77 10.88 3.85
CA ALA D 178 25.42 11.01 3.33
C ALA D 178 24.76 9.70 2.88
N PHE D 179 25.53 8.81 2.26
CA PHE D 179 24.97 7.55 1.77
C PHE D 179 24.67 6.58 2.89
N HIS D 180 25.63 6.41 3.79
CA HIS D 180 25.56 5.40 4.83
C HIS D 180 24.27 5.42 5.59
N PRO D 181 23.53 4.28 5.58
CA PRO D 181 22.34 4.18 6.42
C PRO D 181 22.74 4.15 7.89
N TYR D 182 24.04 3.99 8.13
CA TYR D 182 24.63 4.01 9.46
C TYR D 182 25.49 5.25 9.63
N ARG D 183 25.05 6.37 9.07
CA ARG D 183 25.67 7.65 9.34
C ARG D 183 25.28 8.06 10.74
N SER D 184 26.12 8.86 11.38
CA SER D 184 25.86 9.32 12.74
C SER D 184 24.58 10.13 12.81
N ASP D 185 23.86 9.99 13.91
CA ASP D 185 22.67 10.75 14.15
C ASP D 185 23.04 12.14 14.65
N TYR D 186 24.06 12.21 15.50
CA TYR D 186 24.57 13.47 16.04
C TYR D 186 26.09 13.52 16.05
N LEU D 187 26.61 14.74 15.94
CA LEU D 187 28.03 15.01 16.15
C LEU D 187 28.20 15.81 17.43
N ILE D 188 29.22 15.46 18.21
CA ILE D 188 29.58 16.23 19.39
C ILE D 188 30.97 16.79 19.23
N LEU D 189 31.10 18.10 19.41
CA LEU D 189 32.36 18.81 19.23
C LEU D 189 32.71 19.63 20.46
N GLY D 190 33.80 19.25 21.12
CA GLY D 190 34.23 19.94 22.33
C GLY D 190 35.50 20.75 22.10
N ALA D 191 35.41 22.06 22.28
CA ALA D 191 36.55 22.95 22.07
C ALA D 191 37.47 23.06 23.29
N LEU D 192 38.58 22.32 23.25
CA LEU D 192 39.59 22.41 24.30
C LEU D 192 40.25 23.77 24.29
N ARG D 193 40.51 24.30 23.09
CA ARG D 193 40.89 25.70 22.90
C ARG D 193 40.59 26.15 21.48
N ASN D 194 40.07 27.36 21.35
CA ASN D 194 39.95 28.01 20.06
C ASN D 194 40.41 29.47 20.22
N PRO D 195 41.74 29.69 20.30
CA PRO D 195 42.32 30.99 20.63
C PRO D 195 42.01 32.06 19.59
N ASP D 196 42.19 31.75 18.31
CA ASP D 196 41.99 32.73 17.25
C ASP D 196 40.53 32.81 16.78
N HIS D 197 39.65 32.11 17.51
CA HIS D 197 38.19 32.15 17.32
C HIS D 197 37.71 31.69 15.97
N VAL D 198 38.29 30.61 15.47
CA VAL D 198 37.92 30.00 14.20
C VAL D 198 36.53 29.34 14.31
N PRO D 199 35.55 29.86 13.56
CA PRO D 199 34.19 29.34 13.67
C PRO D 199 33.96 28.05 12.86
N THR D 200 33.13 27.17 13.41
CA THR D 200 32.56 26.06 12.65
C THR D 200 31.35 26.62 11.89
N THR D 201 31.19 26.21 10.64
CA THR D 201 30.01 26.59 9.86
C THR D 201 28.94 25.50 9.92
N VAL D 202 27.70 25.90 10.15
CA VAL D 202 26.58 24.96 10.22
C VAL D 202 25.39 25.52 9.44
N GLY D 203 24.77 24.65 8.64
CA GLY D 203 23.61 25.05 7.84
C GLY D 203 22.39 24.16 8.05
N GLU D 204 21.26 24.78 8.35
CA GLU D 204 20.01 24.08 8.53
C GLU D 204 19.18 24.25 7.28
N LEU D 205 18.07 23.53 7.20
CA LEU D 205 17.14 23.67 6.09
C LEU D 205 16.04 24.62 6.52
N ASP D 206 15.84 25.67 5.75
CA ASP D 206 14.69 26.55 5.92
C ASP D 206 13.69 26.18 4.82
N LEU D 207 12.55 25.62 5.23
CA LEU D 207 11.58 25.06 4.29
C LEU D 207 10.88 26.08 3.39
N SER D 208 10.77 27.31 3.89
CA SER D 208 10.09 28.39 3.16
C SER D 208 10.86 28.83 1.90
N SER D 209 12.19 28.79 1.96
CA SER D 209 13.05 29.15 0.84
C SER D 209 12.88 28.26 -0.40
N LEU D 210 12.31 27.06 -0.21
CA LEU D 210 12.06 26.13 -1.31
C LEU D 210 10.60 26.12 -1.72
N SER D 211 10.38 26.02 -3.03
CA SER D 211 9.05 25.88 -3.61
C SER D 211 8.48 24.52 -3.24
N ALA D 212 7.15 24.47 -3.05
CA ALA D 212 6.46 23.23 -2.68
C ALA D 212 6.71 22.13 -3.70
N GLU D 213 6.80 22.51 -4.96
CA GLU D 213 7.11 21.58 -6.05
C GLU D 213 8.45 20.90 -5.80
N ASP D 214 9.49 21.72 -5.64
CA ASP D 214 10.85 21.24 -5.36
C ASP D 214 10.93 20.30 -4.14
N ILE D 215 10.14 20.59 -3.11
CA ILE D 215 10.06 19.77 -1.90
C ILE D 215 9.62 18.33 -2.22
N ASP D 216 8.50 18.19 -2.94
CA ASP D 216 7.95 16.88 -3.27
C ASP D 216 8.97 16.03 -4.03
N VAL D 217 9.65 16.68 -4.98
CA VAL D 217 10.68 16.04 -5.81
C VAL D 217 11.81 15.49 -4.95
N LEU D 218 12.25 16.30 -3.99
CA LEU D 218 13.35 15.95 -3.10
C LEU D 218 13.02 14.81 -2.15
N PHE D 219 11.73 14.51 -2.02
CA PHE D 219 11.26 13.43 -1.14
C PHE D 219 11.16 12.09 -1.85
N GLU D 220 11.20 12.11 -3.18
CA GLU D 220 11.07 10.88 -3.97
C GLU D 220 12.44 10.25 -4.27
N PRO D 221 12.47 8.92 -4.51
CA PRO D 221 13.74 8.22 -4.76
C PRO D 221 14.33 8.49 -6.16
N ARG D 222 14.92 9.67 -6.33
CA ARG D 222 15.36 10.10 -7.65
C ARG D 222 16.83 10.52 -7.72
N TYR D 223 17.60 10.20 -6.68
CA TYR D 223 19.00 10.66 -6.59
C TYR D 223 19.97 9.53 -6.30
N HIS D 224 21.06 9.49 -7.05
CA HIS D 224 22.20 8.62 -6.74
C HIS D 224 22.99 9.26 -5.65
N ILE D 225 23.16 8.54 -4.54
CA ILE D 225 24.10 8.97 -3.50
C ILE D 225 25.13 7.87 -3.25
N ALA D 226 26.41 8.20 -3.50
CA ALA D 226 27.51 7.22 -3.49
C ALA D 226 28.20 7.08 -2.12
N PRO D 227 28.87 5.92 -1.88
CA PRO D 227 29.65 5.69 -0.65
C PRO D 227 31.12 6.12 -0.76
N ASP D 228 31.82 6.11 0.39
CA ASP D 228 33.18 6.63 0.52
C ASP D 228 34.26 5.53 0.60
N GLU D 229 35.27 5.66 -0.26
CA GLU D 229 36.44 4.78 -0.26
C GLU D 229 37.51 5.30 0.68
N GLU D 241 39.88 -13.16 8.06
CA GLU D 241 38.98 -14.31 7.95
C GLU D 241 37.74 -13.91 7.15
N GLU D 242 36.91 -13.07 7.75
CA GLU D 242 35.71 -12.56 7.13
C GLU D 242 36.01 -11.17 6.56
N GLU D 243 36.22 -10.20 7.45
CA GLU D 243 36.59 -8.80 7.12
C GLU D 243 35.92 -8.15 5.90
N ALA D 244 35.73 -8.92 4.84
CA ALA D 244 35.19 -8.43 3.57
C ALA D 244 33.66 -8.44 3.53
N ALA D 245 33.03 -9.38 4.24
CA ALA D 245 31.58 -9.45 4.30
C ALA D 245 30.95 -8.28 5.07
N ARG D 246 31.80 -7.40 5.60
CA ARG D 246 31.37 -6.13 6.18
C ARG D 246 31.97 -4.93 5.44
N PHE D 247 33.10 -5.16 4.77
CA PHE D 247 33.75 -4.17 3.89
C PHE D 247 32.99 -4.09 2.57
N ALA D 248 32.46 -5.23 2.13
CA ALA D 248 31.64 -5.32 0.92
C ALA D 248 30.14 -5.30 1.23
N THR D 249 29.82 -5.05 2.51
CA THR D 249 28.43 -4.86 2.95
C THR D 249 27.79 -3.66 2.24
N ILE D 250 28.52 -2.54 2.22
CA ILE D 250 28.09 -1.33 1.52
C ILE D 250 28.31 -1.45 0.01
N GLN D 251 29.06 -2.49 -0.39
CA GLN D 251 29.38 -2.72 -1.79
C GLN D 251 28.25 -3.34 -2.61
N ARG D 252 27.23 -3.88 -1.91
CA ARG D 252 26.00 -4.32 -2.56
C ARG D 252 25.14 -3.10 -2.89
N MET D 253 25.35 -2.02 -2.13
CA MET D 253 24.70 -0.73 -2.38
C MET D 253 25.56 0.18 -3.26
N ILE D 254 26.83 -0.19 -3.46
CA ILE D 254 27.71 0.44 -4.45
C ILE D 254 27.17 0.14 -5.85
N ASP D 255 27.22 -1.12 -6.25
CA ASP D 255 26.82 -1.53 -7.60
C ASP D 255 25.31 -1.77 -7.72
N GLU D 256 24.56 -1.28 -6.74
CA GLU D 256 23.12 -1.20 -6.82
C GLU D 256 22.73 0.08 -7.55
N ARG D 257 23.44 1.18 -7.25
CA ARG D 257 23.13 2.53 -7.74
C ARG D 257 21.64 2.84 -7.50
N PRO D 258 21.19 2.72 -6.23
CA PRO D 258 19.80 2.43 -5.91
C PRO D 258 18.77 3.56 -6.07
N LEU D 259 19.22 4.81 -6.17
CA LEU D 259 18.33 6.00 -6.20
C LEU D 259 17.47 6.14 -4.93
N GLY D 260 17.58 7.29 -4.29
CA GLY D 260 16.85 7.58 -3.07
C GLY D 260 16.56 9.06 -2.92
N PRO D 261 15.92 9.44 -1.81
CA PRO D 261 15.55 10.83 -1.55
C PRO D 261 16.63 11.65 -0.85
N LEU D 262 16.62 12.97 -1.09
CA LEU D 262 17.45 13.88 -0.34
C LEU D 262 16.74 14.38 0.93
N LEU D 263 15.41 14.35 0.91
CA LEU D 263 14.62 14.71 2.09
C LEU D 263 13.68 13.58 2.52
N TYR D 264 13.60 13.38 3.83
CA TYR D 264 12.77 12.31 4.41
C TYR D 264 12.15 12.79 5.73
N GLY D 265 11.34 11.93 6.34
CA GLY D 265 10.62 12.29 7.56
C GLY D 265 9.36 13.06 7.22
N SER D 266 9.03 14.06 8.03
CA SER D 266 7.80 14.82 7.81
C SER D 266 8.01 15.89 6.75
N ARG D 267 7.02 16.06 5.89
CA ARG D 267 7.05 17.08 4.85
C ARG D 267 7.26 18.48 5.41
N LEU D 268 6.72 18.71 6.62
CA LEU D 268 6.65 20.04 7.20
C LEU D 268 7.92 20.46 7.94
N ASP D 269 8.70 19.48 8.40
CA ASP D 269 9.97 19.75 9.08
C ASP D 269 10.98 18.62 8.78
N PRO D 270 11.37 18.49 7.51
CA PRO D 270 12.04 17.29 7.00
C PRO D 270 13.50 17.18 7.38
N TYR D 271 13.98 15.94 7.43
CA TYR D 271 15.40 15.67 7.60
C TYR D 271 16.10 15.78 6.25
N MET D 272 17.41 15.88 6.27
CA MET D 272 18.17 16.00 5.04
C MET D 272 19.46 15.20 5.11
N ARG D 273 19.82 14.61 3.99
CA ARG D 273 21.13 14.05 3.80
C ARG D 273 21.69 14.70 2.55
N LEU D 274 22.53 15.70 2.76
CA LEU D 274 23.03 16.50 1.66
C LEU D 274 24.56 16.60 1.64
N ASP D 275 25.18 15.78 0.80
CA ASP D 275 26.60 15.93 0.50
C ASP D 275 26.76 15.97 -1.00
N PRO D 276 26.84 17.18 -1.58
CA PRO D 276 27.03 17.41 -3.01
C PRO D 276 28.10 16.51 -3.64
N TYR D 277 29.16 16.24 -2.88
CA TYR D 277 30.30 15.45 -3.36
C TYR D 277 29.94 14.01 -3.73
N PHE D 278 28.99 13.42 -2.99
CA PHE D 278 28.59 12.03 -3.19
C PHE D 278 27.24 11.91 -3.88
N THR D 279 26.72 13.05 -4.35
CA THR D 279 25.37 13.10 -4.90
C THR D 279 25.38 13.28 -6.40
N SER D 280 24.52 12.52 -7.07
CA SER D 280 24.39 12.58 -8.52
C SER D 280 22.92 12.46 -8.92
N VAL D 281 22.57 13.15 -10.01
CA VAL D 281 21.20 13.18 -10.54
C VAL D 281 21.17 12.62 -11.96
N PRO D 282 20.21 11.72 -12.28
CA PRO D 282 20.01 11.27 -13.65
C PRO D 282 19.78 12.43 -14.62
N GLN D 283 20.41 12.36 -15.78
CA GLN D 283 20.44 13.44 -16.77
C GLN D 283 19.05 13.85 -17.27
N ASP D 284 18.22 12.88 -17.63
CA ASP D 284 16.93 13.17 -18.24
C ASP D 284 15.81 13.47 -17.23
N ASP D 285 16.19 13.68 -15.97
CA ASP D 285 15.24 14.08 -14.93
C ASP D 285 15.46 15.54 -14.60
N THR D 286 14.81 16.42 -15.36
CA THR D 286 15.00 17.87 -15.21
C THR D 286 14.32 18.42 -13.95
N ASP D 287 13.31 17.70 -13.47
CA ASP D 287 12.62 18.07 -12.23
C ASP D 287 13.54 17.92 -11.03
N ALA D 288 14.19 16.76 -10.93
CA ALA D 288 15.16 16.48 -9.87
C ALA D 288 16.36 17.41 -9.91
N ARG D 289 16.77 17.80 -11.11
CA ARG D 289 17.96 18.65 -11.26
C ARG D 289 17.72 20.07 -10.73
N ARG D 290 16.55 20.65 -11.03
CA ARG D 290 16.24 21.99 -10.54
C ARG D 290 16.04 22.00 -9.03
N ALA D 291 15.33 20.99 -8.52
CA ALA D 291 15.03 20.89 -7.10
C ALA D 291 16.29 20.69 -6.28
N TYR D 292 17.22 19.89 -6.80
CA TYR D 292 18.52 19.72 -6.18
C TYR D 292 19.30 21.05 -6.19
N ASP D 293 19.23 21.76 -7.31
CA ASP D 293 19.88 23.05 -7.46
C ASP D 293 19.37 24.09 -6.47
N ALA D 294 18.04 24.11 -6.28
CA ALA D 294 17.42 25.01 -5.31
C ALA D 294 17.91 24.65 -3.91
N LEU D 295 17.79 23.37 -3.54
CA LEU D 295 18.29 22.88 -2.26
C LEU D 295 19.73 23.33 -1.99
N PHE D 296 20.61 23.15 -2.97
CA PHE D 296 22.02 23.51 -2.77
C PHE D 296 22.21 24.98 -2.46
N LYS D 297 21.52 25.85 -3.20
CA LYS D 297 21.62 27.30 -2.98
C LYS D 297 21.07 27.72 -1.61
N VAL D 298 19.84 27.31 -1.33
CA VAL D 298 19.17 27.60 -0.04
C VAL D 298 20.06 27.29 1.16
N VAL D 299 20.77 26.18 1.07
CA VAL D 299 21.60 25.70 2.16
C VAL D 299 22.95 26.41 2.19
N ASP D 300 23.51 26.70 1.01
CA ASP D 300 24.80 27.41 0.91
C ASP D 300 24.68 28.87 1.33
N SER D 301 23.54 29.48 1.03
CA SER D 301 23.26 30.87 1.40
C SER D 301 23.11 31.01 2.90
N GLY D 302 22.43 30.04 3.51
CA GLY D 302 22.09 30.07 4.93
C GLY D 302 23.05 29.32 5.83
N MET D 303 24.33 29.27 5.44
CA MET D 303 25.37 28.71 6.27
C MET D 303 25.74 29.72 7.37
N ARG D 304 25.64 29.30 8.62
CA ARG D 304 25.93 30.18 9.76
C ARG D 304 27.29 29.84 10.39
N GLU D 305 27.95 30.86 10.94
CA GLU D 305 29.17 30.65 11.70
C GLU D 305 28.82 30.41 13.16
N VAL D 306 29.22 29.25 13.68
CA VAL D 306 29.11 28.97 15.10
C VAL D 306 30.53 28.85 15.66
N VAL D 307 30.84 29.69 16.62
CA VAL D 307 32.17 29.67 17.23
C VAL D 307 32.13 28.85 18.52
N ALA D 308 32.92 27.78 18.54
CA ALA D 308 33.07 26.98 19.73
C ALA D 308 34.40 27.36 20.35
N ASP D 309 34.32 28.18 21.38
CA ASP D 309 35.49 28.61 22.13
C ASP D 309 35.78 27.65 23.26
N GLN D 310 36.94 27.81 23.88
CA GLN D 310 37.34 27.05 25.06
C GLN D 310 36.16 26.87 26.02
N GLY D 311 35.82 25.61 26.30
CA GLY D 311 34.72 25.30 27.22
C GLY D 311 33.36 25.15 26.56
N ASP D 312 33.31 25.31 25.24
CA ASP D 312 32.08 25.08 24.50
C ASP D 312 31.99 23.65 24.00
N VAL D 313 30.80 23.07 24.12
CA VAL D 313 30.51 21.80 23.49
C VAL D 313 29.39 22.01 22.47
N LEU D 314 29.73 21.82 21.19
CA LEU D 314 28.77 21.98 20.09
C LEU D 314 28.07 20.66 19.75
N PHE D 315 26.74 20.73 19.64
CA PHE D 315 25.94 19.57 19.26
C PHE D 315 25.31 19.81 17.89
N ILE D 316 25.69 18.97 16.93
CA ILE D 316 25.15 19.06 15.57
C ILE D 316 24.26 17.84 15.32
N ASP D 317 23.01 18.12 14.96
CA ASP D 317 22.07 17.09 14.50
C ASP D 317 22.34 16.79 13.02
N ASN D 318 22.92 15.62 12.76
CA ASN D 318 23.33 15.24 11.40
C ASN D 318 22.17 14.93 10.45
N HIS D 319 20.94 15.04 10.95
CA HIS D 319 19.74 14.89 10.13
C HIS D 319 19.09 16.21 9.83
N ARG D 320 19.57 17.29 10.48
CA ARG D 320 18.97 18.61 10.29
C ARG D 320 20.01 19.69 9.99
N ALA D 321 21.26 19.29 9.85
CA ALA D 321 22.35 20.25 9.70
C ALA D 321 23.50 19.71 8.89
N VAL D 322 24.04 20.56 8.01
CA VAL D 322 25.30 20.30 7.36
C VAL D 322 26.39 21.02 8.17
N HIS D 323 27.66 20.76 7.88
CA HIS D 323 28.74 21.36 8.68
C HIS D 323 30.06 21.43 7.95
N GLY D 324 30.83 22.49 8.22
CA GLY D 324 32.17 22.65 7.67
C GLY D 324 33.03 23.61 8.50
N ARG D 325 34.34 23.58 8.28
CA ARG D 325 35.24 24.51 8.98
C ARG D 325 35.81 25.54 8.04
N LEU D 326 35.85 26.79 8.52
CA LEU D 326 36.50 27.89 7.81
C LEU D 326 38.02 27.68 7.77
N PRO D 327 38.70 28.29 6.78
CA PRO D 327 40.15 28.17 6.72
C PRO D 327 40.83 29.11 7.71
N PHE D 328 42.06 28.79 8.09
CA PHE D 328 42.82 29.59 9.05
C PHE D 328 44.29 29.22 9.05
N GLN D 329 45.12 30.18 9.42
CA GLN D 329 46.56 29.97 9.59
C GLN D 329 46.82 29.23 10.90
N ALA D 330 47.64 28.17 10.83
CA ALA D 330 48.02 27.41 12.01
C ALA D 330 49.18 28.07 12.76
N ARG D 331 49.79 27.33 13.69
CA ARG D 331 50.96 27.79 14.44
C ARG D 331 52.00 26.68 14.60
N TYR D 332 51.50 25.45 14.74
CA TYR D 332 52.34 24.24 14.85
C TYR D 332 53.18 24.14 16.15
N ASP D 333 52.98 25.09 17.07
CA ASP D 333 53.75 25.16 18.32
C ASP D 333 53.13 24.37 19.47
N GLY D 334 51.80 24.29 19.49
CA GLY D 334 51.07 23.58 20.54
C GLY D 334 50.07 24.45 21.28
N THR D 335 49.63 25.53 20.63
CA THR D 335 48.62 26.43 21.19
C THR D 335 47.46 26.59 20.21
N ASP D 336 47.45 25.72 19.19
CA ASP D 336 46.47 25.77 18.11
C ASP D 336 45.06 25.40 18.56
N ARG D 337 44.07 25.82 17.76
CA ARG D 337 42.68 25.37 17.93
C ARG D 337 42.62 23.85 18.04
N TRP D 338 41.86 23.36 19.01
CA TRP D 338 41.79 21.92 19.25
C TRP D 338 40.43 21.51 19.73
N LEU D 339 39.81 20.59 18.98
CA LEU D 339 38.51 20.04 19.37
C LEU D 339 38.57 18.52 19.53
N LYS D 340 37.65 18.01 20.35
CA LYS D 340 37.41 16.58 20.42
C LYS D 340 36.09 16.29 19.72
N ARG D 341 36.02 15.13 19.09
CA ARG D 341 34.82 14.72 18.37
C ARG D 341 34.40 13.31 18.77
N VAL D 342 33.11 13.16 19.02
CA VAL D 342 32.52 11.85 19.20
C VAL D 342 31.24 11.79 18.40
N CYS D 343 31.07 10.69 17.67
CA CYS D 343 29.91 10.47 16.80
C CYS D 343 28.84 9.69 17.53
N VAL D 344 27.59 10.06 17.33
CA VAL D 344 26.50 9.44 18.08
C VAL D 344 25.52 8.70 17.17
N THR D 345 25.22 7.45 17.53
CA THR D 345 24.16 6.69 16.88
C THR D 345 23.00 6.41 17.83
N SER D 346 21.78 6.47 17.29
CA SER D 346 20.58 6.11 18.04
C SER D 346 20.39 4.61 18.09
N ASP D 347 20.92 3.91 17.08
CA ASP D 347 20.76 2.48 16.96
C ASP D 347 22.11 1.82 16.65
N LEU D 348 22.87 1.53 17.70
CA LEU D 348 24.15 0.84 17.57
C LEU D 348 23.99 -0.48 16.80
N ARG D 349 22.81 -1.09 16.93
CA ARG D 349 22.55 -2.41 16.34
C ARG D 349 22.32 -2.38 14.83
N ARG D 350 21.82 -1.27 14.31
CA ARG D 350 21.58 -1.16 12.86
C ARG D 350 22.84 -1.36 12.02
N SER D 351 24.00 -1.09 12.61
CA SER D 351 25.28 -1.21 11.91
C SER D 351 25.99 -2.53 12.21
N ARG D 352 25.21 -3.51 12.69
CA ARG D 352 25.74 -4.81 13.14
C ARG D 352 26.50 -5.56 12.04
N GLU D 353 26.03 -5.45 10.80
CA GLU D 353 26.67 -6.10 9.66
C GLU D 353 28.00 -5.46 9.24
N MET D 354 28.31 -4.31 9.85
CA MET D 354 29.53 -3.58 9.58
C MET D 354 30.52 -3.69 10.74
N ARG D 355 30.11 -4.37 11.80
CA ARG D 355 30.91 -4.49 13.02
C ARG D 355 31.41 -5.91 13.26
N ALA D 356 32.71 -6.02 13.53
CA ALA D 356 33.39 -7.32 13.68
C ALA D 356 32.77 -8.23 14.75
N THR D 357 32.52 -7.67 15.92
CA THR D 357 31.86 -8.39 17.02
C THR D 357 30.56 -7.70 17.39
N SER D 358 29.73 -8.37 18.18
CA SER D 358 28.49 -7.78 18.66
C SER D 358 28.75 -6.67 19.68
N ALA D 359 29.89 -6.75 20.36
CA ALA D 359 30.24 -5.82 21.44
C ALA D 359 30.98 -4.56 20.99
N THR D 360 31.70 -4.62 19.88
CA THR D 360 32.52 -3.49 19.41
C THR D 360 31.70 -2.30 18.89
N ARG D 361 32.27 -1.11 19.05
CA ARG D 361 31.60 0.13 18.68
C ARG D 361 32.27 0.77 17.46
N LEU D 362 33.02 -0.04 16.72
CA LEU D 362 33.72 0.42 15.53
C LEU D 362 33.24 -0.29 14.26
N LEU D 363 33.04 0.50 13.21
CA LEU D 363 32.49 0.03 11.96
C LEU D 363 33.60 -0.12 10.91
N GLY D 364 33.79 -1.34 10.42
CA GLY D 364 34.83 -1.63 9.43
C GLY D 364 35.83 -2.65 9.91
#